data_2K2Y
#
_entry.id   2K2Y
#
_entity_poly.entity_id   1
_entity_poly.type   'polypeptide(L)'
_entity_poly.pdbx_seq_one_letter_code
;NECVSKGFGCLPQSDCPQEARLSYGGCSTVCCDLSKLTG
;
_entity_poly.pdbx_strand_id   A
#
# COMPACT_ATOMS: atom_id res chain seq x y z
N ASN A 1 -11.20 -5.26 -3.65
CA ASN A 1 -9.82 -4.87 -3.31
C ASN A 1 -9.13 -4.17 -4.49
N GLU A 2 -9.13 -2.83 -4.43
CA GLU A 2 -8.59 -1.95 -5.46
C GLU A 2 -7.06 -2.11 -5.61
N CYS A 3 -6.33 -2.23 -4.48
CA CYS A 3 -4.88 -2.39 -4.46
C CYS A 3 -4.45 -3.75 -5.00
N VAL A 4 -5.18 -4.83 -4.69
CA VAL A 4 -4.89 -6.19 -5.17
C VAL A 4 -5.10 -6.27 -6.69
N SER A 5 -6.16 -5.63 -7.21
CA SER A 5 -6.41 -5.52 -8.65
C SER A 5 -5.22 -4.88 -9.38
N LYS A 6 -4.71 -3.77 -8.84
CA LYS A 6 -3.55 -3.02 -9.33
C LYS A 6 -2.20 -3.72 -9.06
N GLY A 7 -2.19 -4.86 -8.36
CA GLY A 7 -1.00 -5.67 -8.11
C GLY A 7 -0.13 -5.23 -6.92
N PHE A 8 -0.53 -4.16 -6.21
CA PHE A 8 0.17 -3.65 -5.03
C PHE A 8 0.00 -4.57 -3.82
N GLY A 9 0.85 -4.32 -2.80
CA GLY A 9 0.87 -5.01 -1.52
C GLY A 9 0.13 -4.21 -0.44
N CYS A 10 0.47 -4.51 0.81
CA CYS A 10 -0.15 -3.90 1.99
C CYS A 10 0.90 -3.79 3.10
N LEU A 11 1.23 -2.57 3.51
CA LEU A 11 2.27 -2.24 4.48
C LEU A 11 1.63 -1.72 5.78
N PRO A 12 2.35 -1.77 6.93
CA PRO A 12 1.85 -1.26 8.20
C PRO A 12 1.84 0.27 8.23
N GLN A 13 1.18 0.81 9.26
CA GLN A 13 0.95 2.24 9.47
C GLN A 13 2.23 3.05 9.78
N SER A 14 3.37 2.37 10.02
CA SER A 14 4.65 2.96 10.39
C SER A 14 5.69 2.93 9.27
N ASP A 15 5.63 1.93 8.36
CA ASP A 15 6.66 1.73 7.33
C ASP A 15 6.33 2.46 6.03
N CYS A 16 5.05 2.72 5.75
CA CYS A 16 4.56 3.44 4.59
C CYS A 16 4.59 4.95 4.87
N PRO A 17 5.47 5.74 4.24
CA PRO A 17 5.45 7.20 4.35
C PRO A 17 4.23 7.81 3.63
N GLN A 18 3.98 9.10 3.91
CA GLN A 18 2.86 9.87 3.35
C GLN A 18 3.01 10.15 1.85
N GLU A 19 4.17 9.85 1.24
CA GLU A 19 4.44 9.95 -0.18
C GLU A 19 4.14 8.65 -0.94
N ALA A 20 4.26 7.49 -0.25
CA ALA A 20 4.10 6.15 -0.82
C ALA A 20 2.70 5.56 -0.59
N ARG A 21 1.90 6.13 0.31
CA ARG A 21 0.51 5.73 0.55
C ARG A 21 -0.31 5.93 -0.73
N LEU A 22 -1.20 4.97 -1.03
CA LEU A 22 -2.07 5.04 -2.19
C LEU A 22 -3.43 5.65 -1.82
N SER A 23 -4.12 6.16 -2.85
CA SER A 23 -5.38 6.90 -2.75
C SER A 23 -6.60 5.96 -2.60
N TYR A 24 -6.39 4.65 -2.39
CA TYR A 24 -7.41 3.60 -2.47
C TYR A 24 -7.72 2.97 -1.10
N GLY A 25 -8.80 2.18 -1.08
CA GLY A 25 -9.29 1.42 0.07
C GLY A 25 -9.05 -0.09 -0.07
N GLY A 26 -7.96 -0.49 -0.74
CA GLY A 26 -7.64 -1.88 -1.08
C GLY A 26 -7.10 -2.75 0.06
N CYS A 27 -6.97 -2.18 1.27
CA CYS A 27 -6.58 -2.85 2.51
C CYS A 27 -7.63 -2.59 3.60
N SER A 28 -7.35 -3.00 4.85
CA SER A 28 -8.25 -2.93 6.00
C SER A 28 -7.88 -1.83 7.00
N THR A 29 -6.76 -1.10 6.79
CA THR A 29 -6.39 0.09 7.55
C THR A 29 -5.70 1.12 6.66
N VAL A 30 -4.61 0.74 5.98
CA VAL A 30 -3.89 1.54 5.00
C VAL A 30 -3.35 0.63 3.89
N CYS A 31 -3.18 1.19 2.69
CA CYS A 31 -2.55 0.54 1.55
C CYS A 31 -1.36 1.37 1.09
N CYS A 32 -0.29 0.68 0.64
CA CYS A 32 0.94 1.27 0.15
C CYS A 32 1.37 0.56 -1.14
N ASP A 33 2.05 1.31 -2.01
CA ASP A 33 2.56 0.81 -3.28
C ASP A 33 3.81 -0.08 -3.09
N LEU A 34 4.30 -0.67 -4.19
CA LEU A 34 5.52 -1.47 -4.25
C LEU A 34 6.49 -0.95 -5.32
N SER A 35 6.19 0.18 -5.97
CA SER A 35 6.94 0.71 -7.11
C SER A 35 8.36 1.18 -6.74
N LYS A 36 8.65 1.46 -5.46
CA LYS A 36 9.98 1.84 -4.98
C LYS A 36 10.99 0.68 -5.08
N LEU A 37 10.51 -0.58 -5.00
CA LEU A 37 11.33 -1.78 -5.15
C LEU A 37 11.76 -1.98 -6.60
N THR A 38 10.87 -1.71 -7.58
CA THR A 38 11.15 -1.77 -9.00
C THR A 38 11.89 -0.53 -9.52
N GLY A 39 11.96 0.56 -8.76
CA GLY A 39 12.62 1.80 -9.14
C GLY A 39 12.44 2.89 -8.08
N ASN A 1 -7.47 -9.72 -1.16
CA ASN A 1 -7.11 -8.31 -0.88
C ASN A 1 -7.30 -7.46 -2.13
N GLU A 2 -8.13 -6.43 -2.03
CA GLU A 2 -8.45 -5.53 -3.13
C GLU A 2 -7.23 -4.70 -3.57
N CYS A 3 -6.38 -4.28 -2.62
CA CYS A 3 -5.18 -3.47 -2.91
C CYS A 3 -4.11 -4.29 -3.64
N VAL A 4 -3.87 -5.54 -3.19
CA VAL A 4 -2.87 -6.44 -3.78
C VAL A 4 -3.29 -6.87 -5.19
N SER A 5 -4.59 -6.82 -5.52
CA SER A 5 -5.10 -7.09 -6.87
C SER A 5 -4.51 -6.14 -7.93
N LYS A 6 -4.23 -4.88 -7.58
CA LYS A 6 -3.53 -3.89 -8.43
C LYS A 6 -2.00 -4.08 -8.46
N GLY A 7 -1.44 -4.93 -7.58
CA GLY A 7 -0.02 -5.29 -7.51
C GLY A 7 0.71 -4.71 -6.29
N PHE A 8 0.04 -3.91 -5.45
CA PHE A 8 0.58 -3.33 -4.21
C PHE A 8 0.73 -4.39 -3.11
N GLY A 9 1.20 -3.97 -1.93
CA GLY A 9 1.31 -4.79 -0.73
C GLY A 9 0.69 -4.08 0.48
N CYS A 10 0.53 -4.83 1.57
CA CYS A 10 -0.39 -4.47 2.66
C CYS A 10 0.35 -4.47 4.01
N LEU A 11 1.26 -3.50 4.19
CA LEU A 11 2.03 -3.33 5.42
C LEU A 11 1.16 -2.78 6.57
N PRO A 12 1.53 -3.07 7.82
CA PRO A 12 0.90 -2.51 9.02
C PRO A 12 1.26 -1.02 9.22
N GLN A 13 0.64 -0.38 10.22
CA GLN A 13 0.88 1.01 10.58
C GLN A 13 2.34 1.31 10.91
N SER A 14 3.03 0.37 11.59
CA SER A 14 4.43 0.47 11.98
C SER A 14 5.42 0.45 10.79
N ASP A 15 4.98 0.01 9.61
CA ASP A 15 5.80 -0.19 8.41
C ASP A 15 5.34 0.71 7.25
N CYS A 16 4.16 1.33 7.36
CA CYS A 16 3.55 2.16 6.35
C CYS A 16 3.28 3.56 6.93
N PRO A 17 4.24 4.50 6.82
CA PRO A 17 4.05 5.88 7.24
C PRO A 17 3.08 6.61 6.30
N GLN A 18 2.61 7.79 6.71
CA GLN A 18 1.58 8.56 6.03
C GLN A 18 1.96 8.92 4.59
N GLU A 19 3.25 9.16 4.32
CA GLU A 19 3.79 9.47 2.99
C GLU A 19 3.66 8.30 2.01
N ALA A 20 3.74 7.06 2.51
CA ALA A 20 3.76 5.84 1.73
C ALA A 20 2.35 5.25 1.49
N ARG A 21 1.32 5.77 2.17
CA ARG A 21 -0.09 5.43 1.93
C ARG A 21 -0.50 5.89 0.52
N LEU A 22 -1.35 5.10 -0.14
CA LEU A 22 -1.91 5.45 -1.45
C LEU A 22 -3.06 6.46 -1.32
N SER A 23 -3.58 6.91 -2.46
CA SER A 23 -4.73 7.81 -2.51
C SER A 23 -6.06 7.09 -2.17
N TYR A 24 -6.02 5.76 -2.03
CA TYR A 24 -7.13 4.88 -1.67
C TYR A 24 -6.68 3.83 -0.65
N GLY A 25 -7.63 3.05 -0.12
CA GLY A 25 -7.37 1.97 0.81
C GLY A 25 -7.07 0.66 0.09
N GLY A 26 -8.09 -0.18 -0.11
CA GLY A 26 -8.03 -1.49 -0.76
C GLY A 26 -7.73 -2.63 0.22
N CYS A 27 -6.94 -2.38 1.28
CA CYS A 27 -6.75 -3.30 2.39
C CYS A 27 -7.91 -3.17 3.40
N SER A 28 -7.83 -3.93 4.49
CA SER A 28 -8.80 -3.93 5.58
C SER A 28 -8.64 -2.68 6.44
N THR A 29 -7.40 -2.16 6.56
CA THR A 29 -7.04 -1.03 7.40
C THR A 29 -6.10 -0.07 6.66
N VAL A 30 -4.97 -0.58 6.15
CA VAL A 30 -3.86 0.19 5.61
C VAL A 30 -3.25 -0.57 4.44
N CYS A 31 -2.94 0.15 3.37
CA CYS A 31 -2.15 -0.30 2.23
C CYS A 31 -0.98 0.65 1.99
N CYS A 32 0.09 0.13 1.36
CA CYS A 32 1.30 0.88 1.00
C CYS A 32 1.69 0.61 -0.45
N ASP A 33 2.50 1.51 -1.02
CA ASP A 33 2.73 1.62 -2.46
C ASP A 33 3.92 0.81 -3.00
N LEU A 34 4.16 -0.37 -2.41
CA LEU A 34 5.30 -1.24 -2.69
C LEU A 34 5.17 -2.11 -3.94
N SER A 35 4.22 -1.79 -4.83
CA SER A 35 4.12 -2.33 -6.18
C SER A 35 5.42 -2.16 -6.97
N LYS A 36 6.09 -1.00 -6.84
CA LYS A 36 7.36 -0.71 -7.50
C LYS A 36 8.53 -1.58 -7.03
N LEU A 37 8.43 -2.20 -5.84
CA LEU A 37 9.43 -3.12 -5.29
C LEU A 37 9.12 -4.56 -5.74
N THR A 38 7.87 -5.00 -5.61
CA THR A 38 7.40 -6.35 -5.93
C THR A 38 7.48 -6.64 -7.44
N GLY A 39 7.42 -5.60 -8.29
CA GLY A 39 7.59 -5.66 -9.74
C GLY A 39 6.52 -6.47 -10.46
N ASN A 1 -8.97 -7.84 -1.89
CA ASN A 1 -7.85 -6.89 -1.70
C ASN A 1 -7.47 -6.24 -3.02
N GLU A 2 -7.87 -4.97 -3.19
CA GLU A 2 -7.57 -4.14 -4.36
C GLU A 2 -6.08 -3.82 -4.46
N CYS A 3 -5.43 -3.58 -3.31
CA CYS A 3 -4.00 -3.30 -3.23
C CYS A 3 -3.17 -4.48 -3.75
N VAL A 4 -3.54 -5.70 -3.34
CA VAL A 4 -2.88 -6.95 -3.73
C VAL A 4 -3.13 -7.30 -5.20
N SER A 5 -4.35 -7.05 -5.72
CA SER A 5 -4.70 -7.38 -7.10
C SER A 5 -3.94 -6.52 -8.13
N LYS A 6 -3.63 -5.27 -7.76
CA LYS A 6 -2.77 -4.34 -8.50
C LYS A 6 -1.27 -4.70 -8.42
N GLY A 7 -0.89 -5.74 -7.67
CA GLY A 7 0.47 -6.29 -7.59
C GLY A 7 1.31 -5.75 -6.43
N PHE A 8 0.79 -4.78 -5.68
CA PHE A 8 1.41 -4.24 -4.47
C PHE A 8 1.20 -5.17 -3.27
N GLY A 9 1.63 -4.72 -2.09
CA GLY A 9 1.39 -5.35 -0.79
C GLY A 9 0.79 -4.37 0.20
N CYS A 10 0.60 -4.84 1.44
CA CYS A 10 0.05 -4.08 2.55
C CYS A 10 0.92 -4.33 3.79
N LEU A 11 1.96 -3.51 3.93
CA LEU A 11 2.92 -3.52 5.04
C LEU A 11 2.22 -3.30 6.39
N PRO A 12 2.88 -3.65 7.52
CA PRO A 12 2.31 -3.45 8.84
C PRO A 12 2.32 -1.97 9.23
N GLN A 13 1.56 -1.65 10.28
CA GLN A 13 1.30 -0.29 10.77
C GLN A 13 2.51 0.32 11.51
N SER A 14 3.64 -0.39 11.52
CA SER A 14 4.92 0.00 12.13
C SER A 14 6.06 0.19 11.11
N ASP A 15 5.83 -0.11 9.81
CA ASP A 15 6.88 -0.08 8.78
C ASP A 15 6.46 0.64 7.49
N CYS A 16 5.17 0.70 7.15
CA CYS A 16 4.59 1.40 6.00
C CYS A 16 4.94 2.91 6.05
N PRO A 17 5.88 3.42 5.22
CA PRO A 17 6.28 4.82 5.26
C PRO A 17 5.22 5.73 4.61
N GLN A 18 5.22 7.01 5.00
CA GLN A 18 4.28 7.99 4.46
C GLN A 18 4.56 8.33 2.98
N GLU A 19 5.76 8.01 2.48
CA GLU A 19 6.16 8.21 1.09
C GLU A 19 5.56 7.15 0.14
N ALA A 20 5.39 5.90 0.62
CA ALA A 20 4.89 4.78 -0.20
C ALA A 20 3.36 4.70 -0.28
N ARG A 21 2.62 5.55 0.46
CA ARG A 21 1.15 5.59 0.45
C ARG A 21 0.63 5.82 -0.97
N LEU A 22 -0.14 4.86 -1.51
CA LEU A 22 -0.77 4.96 -2.81
C LEU A 22 -2.00 5.88 -2.75
N SER A 23 -2.57 6.20 -3.93
CA SER A 23 -3.71 7.10 -4.09
C SER A 23 -5.04 6.52 -3.55
N TYR A 24 -5.02 5.27 -3.05
CA TYR A 24 -6.19 4.51 -2.62
C TYR A 24 -5.87 3.63 -1.41
N GLY A 25 -6.92 3.17 -0.72
CA GLY A 25 -6.85 2.31 0.45
C GLY A 25 -7.40 0.92 0.14
N GLY A 26 -6.59 0.09 -0.54
CA GLY A 26 -6.97 -1.23 -1.04
C GLY A 26 -6.86 -2.38 -0.02
N CYS A 27 -6.55 -2.06 1.24
CA CYS A 27 -6.56 -2.96 2.40
C CYS A 27 -7.35 -2.33 3.56
N SER A 28 -7.36 -3.01 4.71
CA SER A 28 -8.19 -2.67 5.87
C SER A 28 -7.48 -1.73 6.84
N THR A 29 -6.20 -1.44 6.62
CA THR A 29 -5.38 -0.52 7.41
C THR A 29 -4.62 0.43 6.49
N VAL A 30 -3.74 -0.09 5.64
CA VAL A 30 -2.80 0.68 4.82
C VAL A 30 -2.48 -0.05 3.50
N CYS A 31 -2.14 0.74 2.47
CA CYS A 31 -1.76 0.28 1.13
C CYS A 31 -0.50 1.04 0.71
N CYS A 32 0.62 0.75 1.39
CA CYS A 32 1.96 1.15 0.98
C CYS A 32 2.41 0.27 -0.18
N ASP A 33 2.93 0.89 -1.25
CA ASP A 33 3.48 0.18 -2.40
C ASP A 33 4.73 -0.61 -2.01
N LEU A 34 5.07 -1.60 -2.85
CA LEU A 34 6.36 -2.27 -2.86
C LEU A 34 6.96 -2.44 -4.26
N SER A 35 6.21 -2.10 -5.32
CA SER A 35 6.69 -2.14 -6.69
C SER A 35 7.82 -1.13 -6.94
N LYS A 36 7.80 0.00 -6.21
CA LYS A 36 8.79 1.07 -6.31
C LYS A 36 9.97 0.83 -5.36
N LEU A 37 9.75 0.07 -4.26
CA LEU A 37 10.78 -0.33 -3.31
C LEU A 37 11.69 -1.42 -3.91
N THR A 38 11.12 -2.35 -4.68
CA THR A 38 11.84 -3.42 -5.38
C THR A 38 12.29 -3.00 -6.80
N GLY A 39 11.86 -1.81 -7.27
CA GLY A 39 12.16 -1.25 -8.58
C GLY A 39 13.34 -0.27 -8.50
N ASN A 1 -9.36 -9.33 -0.97
CA ASN A 1 -8.49 -8.17 -0.68
C ASN A 1 -8.42 -7.24 -1.89
N GLU A 2 -9.01 -6.04 -1.74
CA GLU A 2 -9.14 -5.03 -2.79
C GLU A 2 -7.79 -4.42 -3.20
N CYS A 3 -6.94 -4.06 -2.22
CA CYS A 3 -5.61 -3.50 -2.43
C CYS A 3 -4.66 -4.52 -3.08
N VAL A 4 -4.68 -5.77 -2.57
CA VAL A 4 -3.82 -6.86 -3.02
C VAL A 4 -4.22 -7.40 -4.40
N SER A 5 -5.45 -7.12 -4.85
CA SER A 5 -5.96 -7.50 -6.17
C SER A 5 -5.09 -6.93 -7.31
N LYS A 6 -4.66 -5.66 -7.19
CA LYS A 6 -3.74 -4.99 -8.09
C LYS A 6 -2.31 -5.56 -8.04
N GLY A 7 -1.95 -6.24 -6.93
CA GLY A 7 -0.64 -6.82 -6.68
C GLY A 7 0.20 -6.05 -5.64
N PHE A 8 -0.31 -4.91 -5.13
CA PHE A 8 0.34 -4.12 -4.09
C PHE A 8 0.32 -4.82 -2.72
N GLY A 9 1.09 -4.26 -1.77
CA GLY A 9 1.22 -4.75 -0.40
C GLY A 9 0.12 -4.19 0.50
N CYS A 10 0.23 -4.53 1.79
CA CYS A 10 -0.70 -4.10 2.84
C CYS A 10 0.04 -4.02 4.18
N LEU A 11 1.21 -3.35 4.20
CA LEU A 11 2.12 -3.28 5.35
C LEU A 11 1.40 -2.74 6.60
N PRO A 12 1.88 -3.10 7.81
CA PRO A 12 1.24 -2.74 9.07
C PRO A 12 1.43 -1.26 9.42
N GLN A 13 0.70 -0.81 10.46
CA GLN A 13 0.60 0.56 10.93
C GLN A 13 1.92 1.14 11.49
N SER A 14 3.00 0.34 11.57
CA SER A 14 4.31 0.74 12.06
C SER A 14 5.41 0.67 10.97
N ASP A 15 5.14 0.05 9.81
CA ASP A 15 6.14 -0.19 8.77
C ASP A 15 5.77 0.45 7.42
N CYS A 16 4.47 0.65 7.14
CA CYS A 16 3.94 1.35 5.98
C CYS A 16 4.35 2.84 6.04
N PRO A 17 5.29 3.32 5.20
CA PRO A 17 5.70 4.72 5.20
C PRO A 17 4.60 5.58 4.57
N GLN A 18 4.55 6.85 4.99
CA GLN A 18 3.52 7.81 4.58
C GLN A 18 3.55 8.11 3.08
N GLU A 19 4.72 7.94 2.42
CA GLU A 19 4.91 8.17 1.00
C GLU A 19 4.39 7.02 0.13
N ALA A 20 4.42 5.77 0.62
CA ALA A 20 3.98 4.59 -0.12
C ALA A 20 2.47 4.34 -0.05
N ARG A 21 1.73 5.08 0.80
CA ARG A 21 0.28 5.06 0.86
C ARG A 21 -0.27 5.52 -0.50
N LEU A 22 -1.00 4.63 -1.18
CA LEU A 22 -1.50 4.83 -2.54
C LEU A 22 -2.61 5.89 -2.59
N SER A 23 -3.08 6.20 -3.81
CA SER A 23 -4.18 7.14 -4.05
C SER A 23 -5.55 6.61 -3.59
N TYR A 24 -5.59 5.36 -3.11
CA TYR A 24 -6.78 4.67 -2.59
C TYR A 24 -6.42 3.86 -1.33
N GLY A 25 -7.45 3.37 -0.63
CA GLY A 25 -7.33 2.62 0.62
C GLY A 25 -8.12 1.31 0.55
N GLY A 26 -7.62 0.34 -0.23
CA GLY A 26 -8.26 -0.95 -0.43
C GLY A 26 -8.09 -1.93 0.74
N CYS A 27 -7.09 -1.72 1.61
CA CYS A 27 -6.88 -2.46 2.85
C CYS A 27 -7.89 -2.01 3.93
N SER A 28 -7.87 -2.71 5.07
CA SER A 28 -8.74 -2.47 6.21
C SER A 28 -8.16 -1.39 7.15
N THR A 29 -6.94 -0.93 6.89
CA THR A 29 -6.27 0.13 7.64
C THR A 29 -5.31 0.94 6.75
N VAL A 30 -4.36 0.28 6.04
CA VAL A 30 -3.32 0.93 5.25
C VAL A 30 -2.94 0.08 4.02
N CYS A 31 -3.08 0.68 2.83
CA CYS A 31 -2.76 0.13 1.51
C CYS A 31 -1.47 0.78 0.99
N CYS A 32 -0.33 0.24 1.43
CA CYS A 32 1.01 0.67 1.02
C CYS A 32 1.49 -0.12 -0.20
N ASP A 33 2.21 0.55 -1.11
CA ASP A 33 2.79 -0.06 -2.31
C ASP A 33 4.09 -0.82 -2.00
N LEU A 34 4.58 -1.58 -3.00
CA LEU A 34 5.83 -2.35 -2.95
C LEU A 34 6.80 -1.94 -4.06
N SER A 35 6.39 -1.07 -4.99
CA SER A 35 7.20 -0.55 -6.08
C SER A 35 8.30 0.42 -5.59
N LYS A 36 8.15 0.98 -4.38
CA LYS A 36 9.14 1.84 -3.73
C LYS A 36 10.47 1.14 -3.44
N LEU A 37 10.48 -0.20 -3.36
CA LEU A 37 11.68 -1.01 -3.08
C LEU A 37 12.67 -0.90 -4.25
N THR A 38 12.24 -1.23 -5.47
CA THR A 38 13.03 -1.06 -6.70
C THR A 38 13.17 0.41 -7.13
N GLY A 39 12.41 1.34 -6.51
CA GLY A 39 12.47 2.76 -6.76
C GLY A 39 13.71 3.45 -6.18
N ASN A 1 -10.67 -8.68 -2.24
CA ASN A 1 -9.86 -7.50 -1.87
C ASN A 1 -9.32 -6.82 -3.13
N GLU A 2 -9.68 -5.56 -3.33
CA GLU A 2 -9.24 -4.76 -4.48
C GLU A 2 -7.72 -4.57 -4.50
N CYS A 3 -7.12 -4.31 -3.33
CA CYS A 3 -5.69 -4.05 -3.19
C CYS A 3 -4.86 -5.28 -3.62
N VAL A 4 -5.27 -6.48 -3.16
CA VAL A 4 -4.63 -7.76 -3.50
C VAL A 4 -4.85 -8.10 -4.99
N SER A 5 -6.00 -7.73 -5.57
CA SER A 5 -6.32 -7.93 -6.99
C SER A 5 -5.42 -7.07 -7.89
N LYS A 6 -5.10 -5.83 -7.47
CA LYS A 6 -4.13 -4.96 -8.12
C LYS A 6 -2.66 -5.40 -7.90
N GLY A 7 -2.42 -6.42 -7.08
CA GLY A 7 -1.10 -6.98 -6.79
C GLY A 7 -0.34 -6.26 -5.68
N PHE A 8 -0.96 -5.27 -5.02
CA PHE A 8 -0.38 -4.49 -3.92
C PHE A 8 -0.55 -5.21 -2.57
N GLY A 9 0.16 -4.69 -1.56
CA GLY A 9 0.22 -5.25 -0.22
C GLY A 9 -0.76 -4.58 0.75
N CYS A 10 -0.93 -5.22 1.91
CA CYS A 10 -1.72 -4.75 3.05
C CYS A 10 -0.84 -4.78 4.30
N LEU A 11 0.09 -3.81 4.37
CA LEU A 11 0.97 -3.59 5.53
C LEU A 11 0.15 -3.14 6.75
N PRO A 12 0.71 -3.24 7.98
CA PRO A 12 0.08 -2.76 9.20
C PRO A 12 0.17 -1.22 9.30
N GLN A 13 -0.51 -0.67 10.30
CA GLN A 13 -0.61 0.76 10.60
C GLN A 13 0.73 1.39 11.03
N SER A 14 1.84 0.62 11.12
CA SER A 14 3.14 1.04 11.63
C SER A 14 4.31 0.80 10.66
N ASP A 15 4.10 0.10 9.54
CA ASP A 15 5.17 -0.27 8.60
C ASP A 15 4.85 0.11 7.14
N CYS A 16 3.63 0.59 6.86
CA CYS A 16 3.31 1.29 5.61
C CYS A 16 3.86 2.73 5.70
N PRO A 17 4.83 3.12 4.85
CA PRO A 17 5.28 4.50 4.77
C PRO A 17 4.23 5.38 4.08
N GLN A 18 4.30 6.70 4.32
CA GLN A 18 3.39 7.69 3.74
C GLN A 18 3.49 7.75 2.20
N GLU A 19 4.64 7.35 1.65
CA GLU A 19 4.90 7.31 0.22
C GLU A 19 4.15 6.18 -0.49
N ALA A 20 3.90 5.06 0.20
CA ALA A 20 3.26 3.88 -0.37
C ALA A 20 1.72 3.97 -0.40
N ARG A 21 1.10 4.86 0.38
CA ARG A 21 -0.35 5.01 0.51
C ARG A 21 -0.98 5.39 -0.84
N LEU A 22 -1.90 4.55 -1.32
CA LEU A 22 -2.60 4.73 -2.60
C LEU A 22 -3.78 5.69 -2.48
N SER A 23 -4.35 6.05 -3.64
CA SER A 23 -5.55 6.88 -3.78
C SER A 23 -6.82 6.15 -3.32
N TYR A 24 -6.74 4.82 -3.10
CA TYR A 24 -7.80 3.93 -2.67
C TYR A 24 -7.34 3.03 -1.53
N GLY A 25 -8.30 2.34 -0.90
CA GLY A 25 -8.11 1.52 0.30
C GLY A 25 -8.79 0.16 0.13
N GLY A 26 -8.21 -0.70 -0.71
CA GLY A 26 -8.71 -2.03 -1.01
C GLY A 26 -8.43 -3.10 0.05
N CYS A 27 -7.61 -2.77 1.06
CA CYS A 27 -7.42 -3.54 2.29
C CYS A 27 -8.55 -3.24 3.28
N SER A 28 -8.39 -3.69 4.53
CA SER A 28 -9.28 -3.37 5.65
C SER A 28 -8.68 -2.31 6.59
N THR A 29 -7.41 -1.94 6.35
CA THR A 29 -6.62 -1.01 7.13
C THR A 29 -6.03 0.06 6.20
N VAL A 30 -5.01 -0.30 5.41
CA VAL A 30 -4.23 0.61 4.57
C VAL A 30 -3.72 -0.16 3.33
N CYS A 31 -4.10 0.30 2.14
CA CYS A 31 -3.65 -0.22 0.87
C CYS A 31 -2.38 0.53 0.44
N CYS A 32 -1.26 -0.19 0.51
CA CYS A 32 0.09 0.35 0.40
C CYS A 32 0.83 -0.41 -0.69
N ASP A 33 1.15 0.29 -1.79
CA ASP A 33 1.72 -0.25 -3.01
C ASP A 33 3.14 -0.81 -2.81
N LEU A 34 3.66 -1.48 -3.84
CA LEU A 34 4.93 -2.19 -3.83
C LEU A 34 5.86 -1.73 -4.97
N SER A 35 5.50 -0.68 -5.72
CA SER A 35 6.26 -0.17 -6.85
C SER A 35 7.65 0.37 -6.46
N LYS A 36 7.84 0.83 -5.21
CA LYS A 36 9.12 1.29 -4.68
C LYS A 36 10.16 0.15 -4.62
N LEU A 37 9.70 -1.09 -4.38
CA LEU A 37 10.56 -2.28 -4.28
C LEU A 37 11.12 -2.74 -5.64
N THR A 38 10.56 -2.24 -6.74
CA THR A 38 10.96 -2.54 -8.13
C THR A 38 11.32 -1.24 -8.89
N GLY A 39 11.35 -0.09 -8.19
CA GLY A 39 11.62 1.21 -8.78
C GLY A 39 11.57 2.31 -7.72
N ASN A 1 -10.93 -6.25 -2.80
CA ASN A 1 -10.03 -5.17 -2.37
C ASN A 1 -9.07 -4.81 -3.51
N GLU A 2 -9.20 -3.60 -4.07
CA GLU A 2 -8.37 -3.17 -5.20
C GLU A 2 -6.90 -3.07 -4.81
N CYS A 3 -6.58 -2.45 -3.66
CA CYS A 3 -5.20 -2.25 -3.21
C CYS A 3 -4.44 -3.59 -3.02
N VAL A 4 -5.15 -4.65 -2.61
CA VAL A 4 -4.62 -6.01 -2.48
C VAL A 4 -4.42 -6.65 -3.86
N SER A 5 -5.41 -6.51 -4.76
CA SER A 5 -5.40 -7.07 -6.11
C SER A 5 -4.31 -6.45 -7.01
N LYS A 6 -3.96 -5.18 -6.75
CA LYS A 6 -2.84 -4.45 -7.34
C LYS A 6 -1.47 -4.93 -6.85
N GLY A 7 -1.43 -5.85 -5.86
CA GLY A 7 -0.20 -6.46 -5.36
C GLY A 7 0.58 -5.62 -4.35
N PHE A 8 0.02 -4.48 -3.91
CA PHE A 8 0.63 -3.61 -2.90
C PHE A 8 0.49 -4.21 -1.48
N GLY A 9 1.22 -3.63 -0.54
CA GLY A 9 1.36 -4.15 0.82
C GLY A 9 0.37 -3.52 1.79
N CYS A 10 -0.35 -4.38 2.53
CA CYS A 10 -1.09 -4.01 3.73
C CYS A 10 -0.12 -4.01 4.92
N LEU A 11 0.73 -2.97 4.98
CA LEU A 11 1.70 -2.74 6.04
C LEU A 11 1.00 -2.48 7.39
N PRO A 12 1.71 -2.60 8.52
CA PRO A 12 1.19 -2.25 9.83
C PRO A 12 1.13 -0.72 10.02
N GLN A 13 0.43 -0.30 11.07
CA GLN A 13 0.15 1.11 11.40
C GLN A 13 1.37 1.87 11.97
N SER A 14 2.55 1.23 11.98
CA SER A 14 3.79 1.75 12.56
C SER A 14 4.97 1.64 11.58
N ASP A 15 4.73 1.37 10.28
CA ASP A 15 5.75 1.19 9.25
C ASP A 15 5.44 1.98 7.97
N CYS A 16 4.19 1.90 7.48
CA CYS A 16 3.70 2.49 6.23
C CYS A 16 4.02 4.00 6.14
N PRO A 17 5.01 4.42 5.32
CA PRO A 17 5.40 5.82 5.20
C PRO A 17 4.36 6.61 4.40
N GLN A 18 4.15 7.88 4.77
CA GLN A 18 3.18 8.76 4.12
C GLN A 18 3.46 8.98 2.62
N GLU A 19 4.73 8.87 2.21
CA GLU A 19 5.19 8.98 0.83
C GLU A 19 4.64 7.86 -0.07
N ALA A 20 4.38 6.67 0.50
CA ALA A 20 3.88 5.50 -0.23
C ALA A 20 2.37 5.27 -0.07
N ARG A 21 1.67 6.02 0.80
CA ARG A 21 0.21 5.92 0.96
C ARG A 21 -0.49 6.26 -0.35
N LEU A 22 -1.27 5.30 -0.87
CA LEU A 22 -2.02 5.42 -2.11
C LEU A 22 -3.24 6.33 -1.95
N SER A 23 -3.91 6.61 -3.07
CA SER A 23 -5.17 7.37 -3.14
C SER A 23 -6.36 6.57 -2.56
N TYR A 24 -6.15 5.28 -2.30
CA TYR A 24 -7.12 4.33 -1.77
C TYR A 24 -6.46 3.41 -0.72
N GLY A 25 -7.28 2.59 -0.07
CA GLY A 25 -6.86 1.70 1.01
C GLY A 25 -7.81 0.53 1.17
N GLY A 26 -7.70 -0.44 0.25
CA GLY A 26 -8.48 -1.68 0.25
C GLY A 26 -8.11 -2.63 1.39
N CYS A 27 -6.99 -2.38 2.08
CA CYS A 27 -6.60 -3.01 3.34
C CYS A 27 -7.56 -2.59 4.47
N SER A 28 -7.35 -3.13 5.69
CA SER A 28 -8.23 -2.93 6.83
C SER A 28 -7.77 -1.77 7.73
N THR A 29 -6.54 -1.26 7.54
CA THR A 29 -5.97 -0.17 8.34
C THR A 29 -5.27 0.85 7.43
N VAL A 30 -4.27 0.40 6.66
CA VAL A 30 -3.45 1.22 5.76
C VAL A 30 -2.99 0.40 4.56
N CYS A 31 -2.74 1.08 3.43
CA CYS A 31 -2.16 0.49 2.22
C CYS A 31 -1.05 1.40 1.69
N CYS A 32 0.20 0.95 1.83
CA CYS A 32 1.37 1.57 1.22
C CYS A 32 1.80 0.78 0.00
N ASP A 33 2.14 1.50 -1.08
CA ASP A 33 2.66 0.94 -2.32
C ASP A 33 4.03 0.29 -2.11
N LEU A 34 4.45 -0.51 -3.10
CA LEU A 34 5.74 -1.19 -3.18
C LEU A 34 6.50 -0.78 -4.44
N SER A 35 5.99 0.21 -5.19
CA SER A 35 6.47 0.68 -6.48
C SER A 35 7.92 1.22 -6.43
N LYS A 36 8.36 1.75 -5.27
CA LYS A 36 9.71 2.29 -5.06
C LYS A 36 10.83 1.22 -5.11
N LEU A 37 10.48 -0.08 -5.02
CA LEU A 37 11.43 -1.20 -5.13
C LEU A 37 11.98 -1.27 -6.56
N THR A 38 11.10 -1.46 -7.55
CA THR A 38 11.42 -1.45 -8.99
C THR A 38 11.66 -0.04 -9.54
N GLY A 39 11.34 1.01 -8.77
CA GLY A 39 11.48 2.41 -9.15
C GLY A 39 12.54 3.13 -8.31
N ASN A 1 -12.05 -4.50 -2.50
CA ASN A 1 -10.75 -3.97 -2.05
C ASN A 1 -9.74 -3.88 -3.20
N GLU A 2 -9.59 -2.66 -3.75
CA GLU A 2 -8.66 -2.36 -4.83
C GLU A 2 -7.20 -2.50 -4.37
N CYS A 3 -6.85 -1.88 -3.23
CA CYS A 3 -5.47 -1.86 -2.71
C CYS A 3 -4.91 -3.26 -2.40
N VAL A 4 -5.81 -4.22 -2.09
CA VAL A 4 -5.49 -5.63 -1.85
C VAL A 4 -5.41 -6.40 -3.17
N SER A 5 -6.33 -6.13 -4.11
CA SER A 5 -6.34 -6.71 -5.46
C SER A 5 -5.07 -6.35 -6.26
N LYS A 6 -4.54 -5.15 -6.05
CA LYS A 6 -3.29 -4.63 -6.59
C LYS A 6 -2.04 -5.31 -6.00
N GLY A 7 -2.18 -6.05 -4.89
CA GLY A 7 -1.10 -6.82 -4.27
C GLY A 7 -0.04 -5.96 -3.56
N PHE A 8 -0.34 -4.69 -3.25
CA PHE A 8 0.55 -3.76 -2.57
C PHE A 8 0.97 -4.26 -1.18
N GLY A 9 2.02 -3.63 -0.62
CA GLY A 9 2.65 -3.99 0.64
C GLY A 9 1.69 -4.01 1.83
N CYS A 10 0.69 -3.11 1.84
CA CYS A 10 -0.39 -3.02 2.82
C CYS A 10 0.14 -3.02 4.27
N LEU A 11 1.30 -2.36 4.49
CA LEU A 11 2.04 -2.38 5.75
C LEU A 11 1.21 -1.82 6.91
N PRO A 12 1.50 -2.23 8.16
CA PRO A 12 0.86 -1.71 9.36
C PRO A 12 1.23 -0.24 9.59
N GLN A 13 0.56 0.39 10.56
CA GLN A 13 0.74 1.80 10.91
C GLN A 13 2.17 2.09 11.43
N SER A 14 2.88 1.07 11.92
CA SER A 14 4.26 1.12 12.39
C SER A 14 5.32 1.04 11.27
N ASP A 15 4.90 0.86 10.00
CA ASP A 15 5.78 0.63 8.85
C ASP A 15 5.47 1.55 7.68
N CYS A 16 4.19 1.78 7.35
CA CYS A 16 3.72 2.60 6.24
C CYS A 16 3.99 4.10 6.52
N PRO A 17 4.94 4.75 5.81
CA PRO A 17 5.23 6.18 5.99
C PRO A 17 4.22 7.08 5.26
N GLN A 18 4.31 8.39 5.54
CA GLN A 18 3.56 9.45 4.87
C GLN A 18 3.94 9.64 3.40
N GLU A 19 5.06 9.05 2.95
CA GLU A 19 5.60 9.22 1.60
C GLU A 19 5.18 8.09 0.64
N ALA A 20 4.94 6.88 1.16
CA ALA A 20 4.62 5.69 0.37
C ALA A 20 3.14 5.29 0.44
N ARG A 21 2.33 5.96 1.27
CA ARG A 21 0.87 5.82 1.27
C ARG A 21 0.28 6.21 -0.09
N LEU A 22 -0.65 5.40 -0.58
CA LEU A 22 -1.35 5.60 -1.85
C LEU A 22 -2.41 6.69 -1.72
N SER A 23 -2.99 7.08 -2.87
CA SER A 23 -4.09 8.04 -2.94
C SER A 23 -5.43 7.45 -2.44
N TYR A 24 -5.45 6.13 -2.19
CA TYR A 24 -6.58 5.36 -1.69
C TYR A 24 -6.13 4.38 -0.60
N GLY A 25 -7.12 3.72 0.05
CA GLY A 25 -6.91 2.84 1.19
C GLY A 25 -7.92 1.71 1.22
N GLY A 26 -7.83 0.81 0.23
CA GLY A 26 -8.67 -0.37 0.08
C GLY A 26 -8.31 -1.54 1.01
N CYS A 27 -7.19 -1.45 1.75
CA CYS A 27 -6.89 -2.34 2.86
C CYS A 27 -7.86 -2.14 4.03
N SER A 28 -7.67 -2.91 5.11
CA SER A 28 -8.55 -2.96 6.26
C SER A 28 -8.49 -1.65 7.06
N THR A 29 -7.33 -0.95 7.05
CA THR A 29 -7.22 0.38 7.66
C THR A 29 -6.03 1.21 7.12
N VAL A 30 -4.95 0.56 6.65
CA VAL A 30 -3.76 1.21 6.13
C VAL A 30 -3.25 0.47 4.89
N CYS A 31 -2.88 1.24 3.85
CA CYS A 31 -2.26 0.75 2.62
C CYS A 31 -1.05 1.61 2.25
N CYS A 32 0.03 0.95 1.79
CA CYS A 32 1.26 1.56 1.27
C CYS A 32 1.75 0.74 0.08
N ASP A 33 2.25 1.44 -0.96
CA ASP A 33 2.90 0.82 -2.10
C ASP A 33 4.38 0.52 -1.79
N LEU A 34 5.01 -0.29 -2.66
CA LEU A 34 6.43 -0.68 -2.58
C LEU A 34 7.17 -0.46 -3.91
N SER A 35 6.50 0.06 -4.95
CA SER A 35 7.01 0.16 -6.32
C SER A 35 8.23 1.08 -6.44
N LYS A 36 8.40 2.04 -5.52
CA LYS A 36 9.54 2.98 -5.50
C LYS A 36 10.88 2.29 -5.19
N LEU A 37 10.86 1.08 -4.62
CA LEU A 37 12.05 0.27 -4.36
C LEU A 37 12.75 -0.19 -5.64
N THR A 38 11.99 -0.30 -6.76
CA THR A 38 12.44 -0.79 -8.06
C THR A 38 12.30 0.26 -9.16
N GLY A 39 11.83 1.48 -8.82
CA GLY A 39 11.66 2.58 -9.76
C GLY A 39 11.63 3.91 -9.01
N ASN A 1 -10.11 -7.49 -2.97
CA ASN A 1 -9.50 -6.27 -2.43
C ASN A 1 -9.06 -5.35 -3.55
N GLU A 2 -9.55 -4.11 -3.53
CA GLU A 2 -9.28 -3.08 -4.53
C GLU A 2 -7.79 -2.75 -4.65
N CYS A 3 -7.08 -2.67 -3.51
CA CYS A 3 -5.66 -2.32 -3.48
C CYS A 3 -4.79 -3.46 -4.05
N VAL A 4 -5.13 -4.72 -3.77
CA VAL A 4 -4.42 -5.90 -4.28
C VAL A 4 -4.68 -6.07 -5.79
N SER A 5 -5.91 -5.76 -6.25
CA SER A 5 -6.30 -5.77 -7.66
C SER A 5 -5.55 -4.70 -8.48
N LYS A 6 -5.20 -3.57 -7.84
CA LYS A 6 -4.35 -2.52 -8.38
C LYS A 6 -2.85 -2.84 -8.29
N GLY A 7 -2.44 -3.89 -7.55
CA GLY A 7 -1.07 -4.37 -7.45
C GLY A 7 -0.26 -3.79 -6.27
N PHE A 8 -0.91 -3.14 -5.30
CA PHE A 8 -0.29 -2.55 -4.12
C PHE A 8 -0.18 -3.53 -2.95
N GLY A 9 0.62 -3.15 -1.93
CA GLY A 9 0.76 -3.85 -0.67
C GLY A 9 -0.26 -3.42 0.39
N CYS A 10 -0.11 -3.99 1.59
CA CYS A 10 -0.95 -3.71 2.75
C CYS A 10 -0.07 -3.59 4.00
N LEU A 11 0.78 -2.56 4.02
CA LEU A 11 1.75 -2.28 5.06
C LEU A 11 1.06 -1.98 6.41
N PRO A 12 1.74 -2.17 7.55
CA PRO A 12 1.22 -1.81 8.85
C PRO A 12 1.18 -0.29 9.03
N GLN A 13 0.43 0.18 10.03
CA GLN A 13 0.26 1.61 10.32
C GLN A 13 1.57 2.29 10.76
N SER A 14 2.55 1.53 11.27
CA SER A 14 3.88 2.01 11.65
C SER A 14 4.86 2.11 10.47
N ASP A 15 4.46 1.69 9.25
CA ASP A 15 5.28 1.70 8.03
C ASP A 15 4.57 2.36 6.85
N CYS A 16 3.33 2.85 7.03
CA CYS A 16 2.49 3.42 6.00
C CYS A 16 1.97 4.81 6.42
N PRO A 17 2.78 5.88 6.27
CA PRO A 17 2.40 7.26 6.58
C PRO A 17 1.45 7.85 5.54
N GLN A 18 0.97 9.08 5.80
CA GLN A 18 0.17 9.86 4.86
C GLN A 18 0.95 10.32 3.62
N GLU A 19 2.26 10.10 3.57
CA GLU A 19 3.12 10.38 2.41
C GLU A 19 3.15 9.21 1.42
N ALA A 20 2.88 7.98 1.89
CA ALA A 20 2.94 6.75 1.11
C ALA A 20 1.55 6.11 0.85
N ARG A 21 0.48 6.64 1.49
CA ARG A 21 -0.89 6.16 1.32
C ARG A 21 -1.39 6.37 -0.12
N LEU A 22 -2.51 5.70 -0.46
CA LEU A 22 -3.09 5.70 -1.80
C LEU A 22 -4.61 5.94 -1.76
N SER A 23 -5.18 6.24 -2.93
CA SER A 23 -6.59 6.59 -3.11
C SER A 23 -7.54 5.37 -3.19
N TYR A 24 -6.98 4.15 -3.30
CA TYR A 24 -7.69 2.91 -3.61
C TYR A 24 -7.79 1.94 -2.42
N GLY A 25 -7.28 2.40 -1.29
CA GLY A 25 -7.09 1.76 0.02
C GLY A 25 -8.19 0.80 0.44
N GLY A 26 -8.06 -0.47 0.02
CA GLY A 26 -9.01 -1.55 0.30
C GLY A 26 -8.62 -2.40 1.52
N CYS A 27 -7.51 -2.10 2.20
CA CYS A 27 -7.10 -2.71 3.46
C CYS A 27 -8.06 -2.34 4.60
N SER A 28 -7.85 -2.95 5.77
CA SER A 28 -8.71 -2.79 6.95
C SER A 28 -8.28 -1.57 7.80
N THR A 29 -7.07 -1.05 7.58
CA THR A 29 -6.53 0.12 8.25
C THR A 29 -5.90 1.07 7.21
N VAL A 30 -4.88 0.62 6.48
CA VAL A 30 -4.08 1.44 5.55
C VAL A 30 -3.49 0.57 4.42
N CYS A 31 -3.25 1.19 3.26
CA CYS A 31 -2.65 0.59 2.07
C CYS A 31 -1.52 1.50 1.55
N CYS A 32 -0.39 0.91 1.17
CA CYS A 32 0.77 1.60 0.64
C CYS A 32 1.37 0.84 -0.55
N ASP A 33 2.08 1.59 -1.41
CA ASP A 33 2.58 1.11 -2.71
C ASP A 33 3.79 0.18 -2.56
N LEU A 34 3.69 -1.02 -3.16
CA LEU A 34 4.79 -1.97 -3.37
C LEU A 34 5.07 -2.25 -4.86
N SER A 35 4.47 -1.51 -5.80
CA SER A 35 4.83 -1.58 -7.22
C SER A 35 6.28 -1.11 -7.47
N LYS A 36 6.86 -0.35 -6.54
CA LYS A 36 8.25 0.09 -6.55
C LYS A 36 9.28 -1.06 -6.45
N LEU A 37 8.85 -2.27 -6.04
CA LEU A 37 9.72 -3.44 -5.96
C LEU A 37 10.16 -3.89 -7.35
N THR A 38 9.23 -3.96 -8.31
CA THR A 38 9.48 -4.25 -9.73
C THR A 38 9.94 -3.02 -10.53
N GLY A 39 9.91 -1.81 -9.95
CA GLY A 39 10.34 -0.58 -10.61
C GLY A 39 9.96 0.65 -9.80
N ASN A 1 -10.19 -6.61 -4.25
CA ASN A 1 -9.16 -5.70 -3.70
C ASN A 1 -8.80 -4.62 -4.72
N GLU A 2 -8.53 -3.40 -4.25
CA GLU A 2 -8.13 -2.27 -5.09
C GLU A 2 -6.60 -2.23 -5.25
N CYS A 3 -5.85 -2.03 -4.15
CA CYS A 3 -4.39 -1.95 -4.17
C CYS A 3 -3.73 -3.23 -4.69
N VAL A 4 -4.18 -4.40 -4.20
CA VAL A 4 -3.57 -5.68 -4.55
C VAL A 4 -3.82 -6.05 -6.03
N SER A 5 -4.97 -5.64 -6.60
CA SER A 5 -5.26 -5.80 -8.03
C SER A 5 -4.34 -4.92 -8.89
N LYS A 6 -3.97 -3.72 -8.41
CA LYS A 6 -3.00 -2.83 -9.05
C LYS A 6 -1.54 -3.30 -8.88
N GLY A 7 -1.27 -4.30 -8.03
CA GLY A 7 0.06 -4.81 -7.74
C GLY A 7 0.76 -4.09 -6.57
N PHE A 8 0.12 -3.08 -5.97
CA PHE A 8 0.53 -2.47 -4.71
C PHE A 8 0.26 -3.42 -3.53
N GLY A 9 0.67 -2.98 -2.34
CA GLY A 9 0.44 -3.70 -1.09
C GLY A 9 0.18 -2.78 0.09
N CYS A 10 0.11 -3.39 1.28
CA CYS A 10 -0.26 -2.75 2.54
C CYS A 10 0.92 -2.83 3.51
N LEU A 11 1.86 -1.90 3.36
CA LEU A 11 2.96 -1.69 4.29
C LEU A 11 2.39 -1.27 5.66
N PRO A 12 3.08 -1.56 6.78
CA PRO A 12 2.57 -1.34 8.12
C PRO A 12 2.51 0.16 8.46
N GLN A 13 1.82 0.48 9.56
CA GLN A 13 1.61 1.85 10.05
C GLN A 13 2.91 2.53 10.54
N SER A 14 4.02 1.78 10.66
CA SER A 14 5.35 2.27 10.99
C SER A 14 6.23 2.53 9.76
N ASP A 15 5.85 2.05 8.57
CA ASP A 15 6.64 2.10 7.33
C ASP A 15 5.80 2.48 6.10
N CYS A 16 4.61 3.11 6.31
CA CYS A 16 3.75 3.64 5.27
C CYS A 16 3.41 5.11 5.59
N PRO A 17 4.35 6.05 5.33
CA PRO A 17 4.18 7.48 5.60
C PRO A 17 3.27 8.15 4.54
N GLN A 18 2.91 9.42 4.82
CA GLN A 18 2.12 10.28 3.95
C GLN A 18 2.81 10.61 2.60
N GLU A 19 4.12 10.33 2.48
CA GLU A 19 4.90 10.56 1.27
C GLU A 19 4.83 9.38 0.28
N ALA A 20 4.56 8.17 0.79
CA ALA A 20 4.57 6.92 0.03
C ALA A 20 3.17 6.30 -0.12
N ARG A 21 2.15 6.83 0.57
CA ARG A 21 0.76 6.39 0.48
C ARG A 21 0.17 6.65 -0.92
N LEU A 22 -1.02 6.09 -1.16
CA LEU A 22 -1.79 6.25 -2.39
C LEU A 22 -3.24 6.62 -2.06
N SER A 23 -3.98 7.05 -3.09
CA SER A 23 -5.40 7.36 -3.01
C SER A 23 -6.26 6.09 -2.91
N TYR A 24 -5.71 4.93 -3.32
CA TYR A 24 -6.33 3.62 -3.25
C TYR A 24 -6.37 3.08 -1.81
N GLY A 25 -7.15 2.01 -1.60
CA GLY A 25 -7.34 1.39 -0.30
C GLY A 25 -7.76 -0.08 -0.43
N GLY A 26 -6.77 -0.97 -0.53
CA GLY A 26 -6.96 -2.42 -0.58
C GLY A 26 -6.92 -3.11 0.79
N CYS A 27 -6.79 -2.34 1.89
CA CYS A 27 -6.78 -2.83 3.27
C CYS A 27 -7.70 -2.07 4.24
N SER A 28 -8.18 -0.92 3.76
CA SER A 28 -9.00 0.10 4.41
C SER A 28 -8.28 0.81 5.56
N THR A 29 -6.98 0.52 5.75
CA THR A 29 -6.17 1.03 6.84
C THR A 29 -4.95 1.78 6.29
N VAL A 30 -4.13 1.11 5.47
CA VAL A 30 -2.88 1.59 4.91
C VAL A 30 -2.60 0.89 3.59
N CYS A 31 -2.19 1.66 2.58
CA CYS A 31 -1.70 1.19 1.29
C CYS A 31 -0.59 2.14 0.80
N CYS A 32 0.60 1.58 0.56
CA CYS A 32 1.77 2.29 0.05
C CYS A 32 2.36 1.54 -1.15
N ASP A 33 2.93 2.31 -2.09
CA ASP A 33 3.60 1.80 -3.28
C ASP A 33 4.95 1.16 -2.92
N LEU A 34 4.98 -0.18 -3.00
CA LEU A 34 6.18 -1.02 -2.89
C LEU A 34 6.70 -1.48 -4.25
N SER A 35 5.86 -1.38 -5.30
CA SER A 35 6.16 -1.84 -6.66
C SER A 35 7.28 -1.04 -7.32
N LYS A 36 7.58 0.17 -6.80
CA LYS A 36 8.67 1.05 -7.21
C LYS A 36 10.07 0.41 -7.12
N LEU A 37 10.23 -0.67 -6.34
CA LEU A 37 11.50 -1.38 -6.16
C LEU A 37 11.99 -2.09 -7.43
N THR A 38 11.07 -2.57 -8.29
CA THR A 38 11.35 -3.39 -9.44
C THR A 38 10.79 -2.72 -10.72
N GLY A 39 9.56 -2.19 -10.63
CA GLY A 39 8.87 -1.51 -11.72
C GLY A 39 9.24 -0.02 -11.73
N ASN A 1 -9.19 -7.62 -2.82
CA ASN A 1 -8.50 -6.38 -2.43
C ASN A 1 -8.06 -5.57 -3.66
N GLU A 2 -8.43 -4.29 -3.67
CA GLU A 2 -8.12 -3.32 -4.71
C GLU A 2 -6.61 -3.15 -4.92
N CYS A 3 -5.88 -2.75 -3.86
CA CYS A 3 -4.43 -2.51 -3.94
C CYS A 3 -3.63 -3.76 -4.32
N VAL A 4 -4.06 -4.95 -3.85
CA VAL A 4 -3.39 -6.22 -4.13
C VAL A 4 -3.61 -6.63 -5.60
N SER A 5 -4.79 -6.36 -6.17
CA SER A 5 -5.11 -6.57 -7.58
C SER A 5 -4.30 -5.63 -8.49
N LYS A 6 -3.98 -4.42 -8.00
CA LYS A 6 -3.07 -3.47 -8.66
C LYS A 6 -1.58 -3.79 -8.40
N GLY A 7 -1.28 -4.84 -7.62
CA GLY A 7 0.06 -5.40 -7.41
C GLY A 7 0.85 -4.77 -6.25
N PHE A 8 0.32 -3.71 -5.61
CA PHE A 8 0.95 -3.03 -4.48
C PHE A 8 0.83 -3.83 -3.18
N GLY A 9 1.58 -3.40 -2.15
CA GLY A 9 1.59 -4.00 -0.83
C GLY A 9 0.62 -3.32 0.13
N CYS A 10 0.45 -3.94 1.31
CA CYS A 10 -0.37 -3.46 2.42
C CYS A 10 0.50 -3.42 3.67
N LEU A 11 1.47 -2.49 3.66
CA LEU A 11 2.43 -2.23 4.73
C LEU A 11 1.72 -1.66 5.96
N PRO A 12 2.35 -1.70 7.15
CA PRO A 12 1.81 -1.10 8.36
C PRO A 12 1.90 0.44 8.30
N GLN A 13 1.15 1.09 9.20
CA GLN A 13 1.04 2.54 9.32
C GLN A 13 2.34 3.23 9.80
N SER A 14 3.36 2.45 10.17
CA SER A 14 4.62 2.91 10.76
C SER A 14 5.88 2.53 9.95
N ASP A 15 5.74 1.75 8.87
CA ASP A 15 6.86 1.39 7.99
C ASP A 15 6.80 2.13 6.66
N CYS A 16 5.62 2.26 6.04
CA CYS A 16 5.41 2.99 4.80
C CYS A 16 5.63 4.48 5.03
N PRO A 17 6.65 5.12 4.40
CA PRO A 17 6.85 6.55 4.47
C PRO A 17 5.83 7.28 3.57
N GLN A 18 5.63 8.58 3.84
CA GLN A 18 4.84 9.48 3.02
C GLN A 18 5.43 9.68 1.61
N GLU A 19 6.72 9.33 1.40
CA GLU A 19 7.38 9.33 0.11
C GLU A 19 6.88 8.21 -0.82
N ALA A 20 6.36 7.12 -0.25
CA ALA A 20 5.94 5.91 -0.95
C ALA A 20 4.45 5.57 -0.74
N ARG A 21 3.70 6.40 0.00
CA ARG A 21 2.25 6.28 0.15
C ARG A 21 1.56 6.45 -1.22
N LEU A 22 0.39 5.82 -1.43
CA LEU A 22 -0.42 6.07 -2.62
C LEU A 22 -1.49 7.12 -2.31
N SER A 23 -2.12 7.64 -3.37
CA SER A 23 -3.21 8.62 -3.29
C SER A 23 -4.53 7.98 -2.81
N TYR A 24 -4.54 6.66 -2.62
CA TYR A 24 -5.68 5.84 -2.21
C TYR A 24 -5.24 4.72 -1.27
N GLY A 25 -6.23 4.06 -0.66
CA GLY A 25 -6.04 2.95 0.27
C GLY A 25 -6.90 1.77 -0.14
N GLY A 26 -6.41 0.99 -1.12
CA GLY A 26 -7.06 -0.22 -1.61
C GLY A 26 -6.91 -1.43 -0.66
N CYS A 27 -6.19 -1.27 0.45
CA CYS A 27 -6.09 -2.19 1.57
C CYS A 27 -7.25 -1.94 2.57
N SER A 28 -7.15 -2.51 3.79
CA SER A 28 -8.15 -2.35 4.84
C SER A 28 -7.84 -1.16 5.77
N THR A 29 -6.58 -0.67 5.77
CA THR A 29 -6.11 0.38 6.67
C THR A 29 -5.31 1.44 5.91
N VAL A 30 -4.19 1.03 5.29
CA VAL A 30 -3.32 1.84 4.44
C VAL A 30 -2.65 0.96 3.39
N CYS A 31 -2.20 1.59 2.28
CA CYS A 31 -1.51 0.95 1.17
C CYS A 31 -0.17 1.65 0.90
N CYS A 32 0.80 0.90 0.37
CA CYS A 32 2.13 1.39 0.06
C CYS A 32 2.61 0.88 -1.30
N ASP A 33 3.01 1.82 -2.15
CA ASP A 33 3.68 1.57 -3.41
C ASP A 33 5.13 1.11 -3.14
N LEU A 34 5.63 0.23 -4.03
CA LEU A 34 6.94 -0.40 -3.93
C LEU A 34 7.77 -0.20 -5.22
N SER A 35 7.20 0.43 -6.27
CA SER A 35 7.86 0.64 -7.56
C SER A 35 8.99 1.67 -7.48
N LYS A 36 9.03 2.51 -6.43
CA LYS A 36 10.13 3.43 -6.16
C LYS A 36 11.45 2.72 -5.86
N LEU A 37 11.42 1.44 -5.45
CA LEU A 37 12.59 0.62 -5.15
C LEU A 37 13.35 0.18 -6.42
N THR A 38 12.71 0.25 -7.60
CA THR A 38 13.29 -0.07 -8.91
C THR A 38 13.31 1.16 -9.85
N GLY A 39 12.90 2.33 -9.34
CA GLY A 39 12.90 3.59 -10.07
C GLY A 39 11.97 4.60 -9.41
N ASN A 1 -9.41 -6.90 -2.15
CA ASN A 1 -8.47 -5.79 -1.90
C ASN A 1 -7.96 -5.21 -3.22
N GLU A 2 -8.11 -3.90 -3.40
CA GLU A 2 -7.59 -3.14 -4.54
C GLU A 2 -6.06 -3.20 -4.61
N CYS A 3 -5.39 -3.24 -3.46
CA CYS A 3 -3.94 -3.38 -3.33
C CYS A 3 -3.47 -4.66 -4.02
N VAL A 4 -4.09 -5.80 -3.67
CA VAL A 4 -3.80 -7.12 -4.22
C VAL A 4 -4.20 -7.21 -5.70
N SER A 5 -5.34 -6.62 -6.08
CA SER A 5 -5.89 -6.67 -7.44
C SER A 5 -4.94 -6.02 -8.46
N LYS A 6 -4.34 -4.87 -8.10
CA LYS A 6 -3.33 -4.19 -8.90
C LYS A 6 -1.90 -4.75 -8.71
N GLY A 7 -1.70 -5.67 -7.76
CA GLY A 7 -0.44 -6.38 -7.55
C GLY A 7 0.53 -5.69 -6.57
N PHE A 8 0.16 -4.53 -6.00
CA PHE A 8 0.93 -3.85 -4.96
C PHE A 8 0.98 -4.67 -3.66
N GLY A 9 1.90 -4.29 -2.77
CA GLY A 9 1.95 -4.76 -1.40
C GLY A 9 0.93 -4.04 -0.51
N CYS A 10 0.91 -4.44 0.76
CA CYS A 10 0.11 -3.86 1.82
C CYS A 10 0.88 -4.06 3.13
N LEU A 11 1.92 -3.24 3.32
CA LEU A 11 2.81 -3.27 4.47
C LEU A 11 2.07 -2.83 5.75
N PRO A 12 2.56 -3.22 6.94
CA PRO A 12 2.00 -2.81 8.23
C PRO A 12 2.24 -1.31 8.49
N GLN A 13 1.68 -0.79 9.58
CA GLN A 13 1.84 0.60 10.02
C GLN A 13 3.31 0.98 10.31
N SER A 14 4.21 -0.01 10.47
CA SER A 14 5.64 0.18 10.70
C SER A 14 6.47 0.25 9.41
N ASP A 15 5.89 -0.07 8.24
CA ASP A 15 6.54 -0.09 6.93
C ASP A 15 5.73 0.66 5.85
N CYS A 16 4.56 1.21 6.20
CA CYS A 16 3.69 1.96 5.31
C CYS A 16 3.50 3.38 5.86
N PRO A 17 4.50 4.27 5.69
CA PRO A 17 4.41 5.67 6.07
C PRO A 17 3.50 6.45 5.12
N GLN A 18 3.18 7.70 5.49
CA GLN A 18 2.33 8.59 4.71
C GLN A 18 2.91 8.90 3.32
N GLU A 19 4.23 8.81 3.16
CA GLU A 19 4.97 9.00 1.91
C GLU A 19 4.66 7.88 0.89
N ALA A 20 4.69 6.61 1.34
CA ALA A 20 4.57 5.43 0.48
C ALA A 20 3.13 5.08 0.10
N ARG A 21 2.12 5.78 0.64
CA ARG A 21 0.71 5.55 0.35
C ARG A 21 0.40 5.75 -1.13
N LEU A 22 -0.53 4.94 -1.64
CA LEU A 22 -1.10 5.05 -2.98
C LEU A 22 -2.27 6.05 -3.02
N SER A 23 -2.77 6.31 -4.22
CA SER A 23 -3.96 7.11 -4.51
C SER A 23 -5.26 6.47 -3.97
N TYR A 24 -5.19 5.18 -3.59
CA TYR A 24 -6.29 4.33 -3.15
C TYR A 24 -5.81 3.37 -2.04
N GLY A 25 -6.78 2.71 -1.38
CA GLY A 25 -6.56 1.93 -0.17
C GLY A 25 -7.53 0.76 -0.09
N GLY A 26 -7.15 -0.36 -0.72
CA GLY A 26 -7.93 -1.58 -0.79
C GLY A 26 -7.83 -2.49 0.44
N CYS A 27 -6.85 -2.25 1.33
CA CYS A 27 -6.72 -2.92 2.62
C CYS A 27 -7.64 -2.28 3.66
N SER A 28 -7.59 -2.80 4.89
CA SER A 28 -8.49 -2.45 6.00
C SER A 28 -7.89 -1.36 6.89
N THR A 29 -6.60 -1.02 6.69
CA THR A 29 -5.86 -0.05 7.49
C THR A 29 -5.10 0.90 6.57
N VAL A 30 -4.12 0.37 5.83
CA VAL A 30 -3.17 1.13 4.99
C VAL A 30 -2.75 0.30 3.77
N CYS A 31 -2.32 0.98 2.70
CA CYS A 31 -1.96 0.39 1.41
C CYS A 31 -0.79 1.16 0.80
N CYS A 32 0.36 0.48 0.65
CA CYS A 32 1.61 1.08 0.17
C CYS A 32 2.20 0.30 -0.99
N ASP A 33 2.66 1.06 -2.00
CA ASP A 33 3.40 0.57 -3.15
C ASP A 33 4.85 0.28 -2.74
N LEU A 34 5.29 -0.95 -2.98
CA LEU A 34 6.65 -1.43 -2.80
C LEU A 34 7.31 -1.90 -4.10
N SER A 35 6.54 -1.99 -5.19
CA SER A 35 7.01 -2.30 -6.54
C SER A 35 7.84 -1.16 -7.16
N LYS A 36 7.77 0.06 -6.59
CA LYS A 36 8.68 1.16 -6.89
C LYS A 36 10.16 0.84 -6.59
N LEU A 37 10.41 -0.16 -5.73
CA LEU A 37 11.73 -0.69 -5.40
C LEU A 37 11.95 -2.00 -6.15
N THR A 38 11.05 -2.97 -5.97
CA THR A 38 11.07 -4.28 -6.61
C THR A 38 10.36 -4.22 -7.96
N GLY A 39 10.98 -3.52 -8.92
CA GLY A 39 10.51 -3.37 -10.28
C GLY A 39 11.67 -3.27 -11.26
N ASN A 1 -8.54 -9.79 -0.55
CA ASN A 1 -7.92 -8.46 -0.73
C ASN A 1 -8.39 -7.80 -2.03
N GLU A 2 -8.27 -6.47 -2.11
CA GLU A 2 -8.79 -5.63 -3.17
C GLU A 2 -7.68 -4.78 -3.80
N CYS A 3 -6.90 -4.04 -2.98
CA CYS A 3 -5.75 -3.29 -3.46
C CYS A 3 -4.63 -4.20 -3.99
N VAL A 4 -4.55 -5.45 -3.48
CA VAL A 4 -3.62 -6.47 -3.92
C VAL A 4 -4.03 -7.04 -5.30
N SER A 5 -5.33 -6.99 -5.64
CA SER A 5 -5.82 -7.38 -6.97
C SER A 5 -5.35 -6.40 -8.06
N LYS A 6 -5.20 -5.11 -7.74
CA LYS A 6 -4.53 -4.12 -8.59
C LYS A 6 -3.02 -4.37 -8.73
N GLY A 7 -2.42 -5.13 -7.80
CA GLY A 7 -1.01 -5.54 -7.81
C GLY A 7 -0.18 -4.98 -6.65
N PHE A 8 -0.77 -4.14 -5.79
CA PHE A 8 -0.08 -3.48 -4.68
C PHE A 8 0.15 -4.42 -3.47
N GLY A 9 0.85 -3.92 -2.44
CA GLY A 9 1.23 -4.70 -1.28
C GLY A 9 0.22 -4.67 -0.13
N CYS A 10 -0.62 -3.62 -0.07
CA CYS A 10 -1.58 -3.35 1.00
C CYS A 10 -0.95 -3.44 2.41
N LEU A 11 0.19 -2.76 2.61
CA LEU A 11 0.95 -2.75 3.85
C LEU A 11 0.15 -2.09 4.99
N PRO A 12 0.44 -2.43 6.26
CA PRO A 12 -0.26 -1.87 7.42
C PRO A 12 0.16 -0.42 7.71
N GLN A 13 -0.59 0.21 8.61
CA GLN A 13 -0.35 1.54 9.16
C GLN A 13 0.89 1.64 10.08
N SER A 14 1.71 0.58 10.15
CA SER A 14 2.91 0.46 10.97
C SER A 14 4.19 0.22 10.15
N ASP A 15 4.08 0.01 8.82
CA ASP A 15 5.22 -0.31 7.95
C ASP A 15 5.22 0.46 6.62
N CYS A 16 4.07 1.03 6.20
CA CYS A 16 3.97 1.88 5.02
C CYS A 16 4.34 3.33 5.39
N PRO A 17 5.44 3.91 4.86
CA PRO A 17 5.78 5.31 5.08
C PRO A 17 4.85 6.25 4.30
N GLN A 18 4.84 7.54 4.70
CA GLN A 18 3.94 8.56 4.19
C GLN A 18 4.24 9.01 2.74
N GLU A 19 5.33 8.54 2.13
CA GLU A 19 5.67 8.79 0.73
C GLU A 19 5.31 7.60 -0.18
N ALA A 20 5.38 6.37 0.34
CA ALA A 20 5.09 5.15 -0.42
C ALA A 20 3.60 4.84 -0.54
N ARG A 21 2.77 5.38 0.38
CA ARG A 21 1.31 5.24 0.35
C ARG A 21 0.70 5.88 -0.89
N LEU A 22 -0.50 5.43 -1.26
CA LEU A 22 -1.25 5.89 -2.42
C LEU A 22 -2.38 6.82 -1.98
N SER A 23 -2.90 7.58 -2.95
CA SER A 23 -4.08 8.44 -2.80
C SER A 23 -5.39 7.64 -2.97
N TYR A 24 -5.31 6.34 -3.29
CA TYR A 24 -6.40 5.43 -3.59
C TYR A 24 -6.06 4.00 -3.17
N GLY A 25 -7.03 3.09 -3.33
CA GLY A 25 -6.87 1.68 -3.02
C GLY A 25 -8.19 1.03 -2.58
N GLY A 26 -8.07 -0.18 -2.01
CA GLY A 26 -9.18 -1.02 -1.55
C GLY A 26 -8.94 -1.66 -0.18
N CYS A 27 -7.87 -1.28 0.53
CA CYS A 27 -7.55 -1.76 1.89
C CYS A 27 -8.53 -1.21 2.92
N SER A 28 -8.40 -1.70 4.17
CA SER A 28 -9.26 -1.35 5.31
C SER A 28 -8.66 -0.24 6.17
N THR A 29 -7.42 0.19 5.91
CA THR A 29 -6.73 1.23 6.67
C THR A 29 -5.78 2.07 5.77
N VAL A 30 -4.93 1.43 4.96
CA VAL A 30 -3.95 2.06 4.09
C VAL A 30 -3.50 1.03 3.04
N CYS A 31 -3.23 1.50 1.82
CA CYS A 31 -2.52 0.74 0.78
C CYS A 31 -1.17 1.39 0.48
N CYS A 32 -0.22 0.55 0.04
CA CYS A 32 1.18 0.90 -0.20
C CYS A 32 1.69 0.21 -1.45
N ASP A 33 2.28 1.00 -2.34
CA ASP A 33 2.85 0.53 -3.60
C ASP A 33 4.34 0.25 -3.43
N LEU A 34 4.80 -0.87 -4.01
CA LEU A 34 6.17 -1.37 -3.95
C LEU A 34 6.89 -1.30 -5.30
N SER A 35 6.24 -0.79 -6.36
CA SER A 35 6.85 -0.60 -7.68
C SER A 35 8.06 0.33 -7.64
N LYS A 36 8.03 1.32 -6.73
CA LYS A 36 9.10 2.30 -6.52
C LYS A 36 10.37 1.66 -5.95
N LEU A 37 10.23 0.60 -5.13
CA LEU A 37 11.36 -0.12 -4.52
C LEU A 37 12.14 -0.91 -5.58
N THR A 38 11.43 -1.68 -6.41
CA THR A 38 12.01 -2.44 -7.52
C THR A 38 12.36 -1.55 -8.72
N GLY A 39 12.04 -0.24 -8.68
CA GLY A 39 12.42 0.75 -9.68
C GLY A 39 13.87 1.19 -9.49
N ASN A 1 -10.54 -6.80 -1.88
CA ASN A 1 -9.83 -5.57 -1.50
C ASN A 1 -9.20 -4.95 -2.74
N GLU A 2 -9.62 -3.72 -3.07
CA GLU A 2 -9.15 -2.99 -4.26
C GLU A 2 -7.65 -2.70 -4.22
N CYS A 3 -7.08 -2.52 -3.01
CA CYS A 3 -5.65 -2.26 -2.83
C CYS A 3 -4.83 -3.51 -3.20
N VAL A 4 -5.20 -4.68 -2.66
CA VAL A 4 -4.53 -5.96 -2.90
C VAL A 4 -4.77 -6.46 -4.33
N SER A 5 -5.93 -6.16 -4.92
CA SER A 5 -6.26 -6.45 -6.33
C SER A 5 -5.33 -5.68 -7.29
N LYS A 6 -5.03 -4.41 -6.97
CA LYS A 6 -4.03 -3.58 -7.66
C LYS A 6 -2.58 -4.01 -7.36
N GLY A 7 -2.37 -4.96 -6.43
CA GLY A 7 -1.07 -5.56 -6.12
C GLY A 7 -0.32 -4.89 -4.96
N PHE A 8 -0.94 -3.90 -4.29
CA PHE A 8 -0.35 -3.17 -3.16
C PHE A 8 -0.41 -3.99 -1.86
N GLY A 9 0.26 -3.49 -0.82
CA GLY A 9 0.39 -4.11 0.49
C GLY A 9 -0.59 -3.59 1.52
N CYS A 10 -0.54 -4.17 2.73
CA CYS A 10 -1.30 -3.77 3.91
C CYS A 10 -0.33 -3.74 5.09
N LEU A 11 0.58 -2.76 5.05
CA LEU A 11 1.65 -2.54 6.03
C LEU A 11 1.06 -2.21 7.42
N PRO A 12 1.84 -2.38 8.51
CA PRO A 12 1.42 -2.00 9.85
C PRO A 12 1.45 -0.48 10.02
N GLN A 13 0.81 0.00 11.10
CA GLN A 13 0.63 1.41 11.41
C GLN A 13 1.97 2.11 11.76
N SER A 14 3.01 1.35 12.14
CA SER A 14 4.35 1.87 12.43
C SER A 14 5.22 2.05 11.18
N ASP A 15 4.86 1.44 10.04
CA ASP A 15 5.65 1.43 8.80
C ASP A 15 4.88 1.95 7.58
N CYS A 16 3.64 2.46 7.77
CA CYS A 16 2.82 3.01 6.71
C CYS A 16 2.49 4.48 6.99
N PRO A 17 3.44 5.41 6.74
CA PRO A 17 3.23 6.85 6.92
C PRO A 17 2.34 7.43 5.81
N GLN A 18 1.97 8.71 5.98
CA GLN A 18 1.15 9.48 5.04
C GLN A 18 1.84 9.71 3.68
N GLU A 19 3.16 9.46 3.60
CA GLU A 19 3.95 9.56 2.38
C GLU A 19 3.92 8.26 1.55
N ALA A 20 3.81 7.10 2.21
CA ALA A 20 3.79 5.78 1.56
C ALA A 20 2.37 5.28 1.27
N ARG A 21 1.34 5.83 1.92
CA ARG A 21 -0.05 5.45 1.65
C ARG A 21 -0.49 5.96 0.28
N LEU A 22 -1.49 5.30 -0.30
CA LEU A 22 -2.13 5.72 -1.54
C LEU A 22 -3.30 6.66 -1.24
N SER A 23 -3.96 7.16 -2.29
CA SER A 23 -5.20 7.92 -2.18
C SER A 23 -6.38 7.05 -1.72
N TYR A 24 -6.27 5.72 -1.93
CA TYR A 24 -7.33 4.74 -1.79
C TYR A 24 -6.84 3.46 -1.10
N GLY A 25 -7.78 2.57 -0.76
CA GLY A 25 -7.50 1.26 -0.19
C GLY A 25 -8.69 0.68 0.57
N GLY A 26 -8.51 -0.55 1.07
CA GLY A 26 -9.52 -1.32 1.78
C GLY A 26 -8.93 -2.36 2.75
N CYS A 27 -7.67 -2.17 3.18
CA CYS A 27 -6.98 -3.00 4.17
C CYS A 27 -7.68 -2.97 5.55
N SER A 28 -7.16 -3.75 6.50
CA SER A 28 -7.71 -3.92 7.84
C SER A 28 -7.54 -2.64 8.67
N THR A 29 -6.49 -1.85 8.40
CA THR A 29 -6.30 -0.55 9.04
C THR A 29 -5.69 0.50 8.10
N VAL A 30 -4.69 0.15 7.27
CA VAL A 30 -4.02 1.07 6.34
C VAL A 30 -3.46 0.29 5.14
N CYS A 31 -3.35 0.95 3.99
CA CYS A 31 -2.74 0.44 2.77
C CYS A 31 -1.56 1.32 2.39
N CYS A 32 -0.44 0.68 2.02
CA CYS A 32 0.75 1.32 1.50
C CYS A 32 1.23 0.60 0.24
N ASP A 33 1.82 1.37 -0.68
CA ASP A 33 2.26 0.87 -1.97
C ASP A 33 3.54 0.01 -1.85
N LEU A 34 3.87 -0.73 -2.91
CA LEU A 34 5.05 -1.60 -3.00
C LEU A 34 5.92 -1.25 -4.23
N SER A 35 5.64 -0.10 -4.87
CA SER A 35 6.31 0.37 -6.09
C SER A 35 7.81 0.67 -5.90
N LYS A 36 8.26 0.86 -4.64
CA LYS A 36 9.66 1.02 -4.28
C LYS A 36 10.52 -0.22 -4.57
N LEU A 37 9.90 -1.41 -4.62
CA LEU A 37 10.57 -2.67 -4.96
C LEU A 37 10.81 -2.78 -6.47
N THR A 38 9.79 -2.41 -7.28
CA THR A 38 9.82 -2.44 -8.73
C THR A 38 10.48 -1.15 -9.27
N GLY A 39 11.81 -1.07 -9.08
CA GLY A 39 12.67 0.01 -9.55
C GLY A 39 14.13 -0.43 -9.59
N ASN A 1 -10.96 -8.07 -1.57
CA ASN A 1 -9.99 -7.02 -1.20
C ASN A 1 -9.45 -6.38 -2.47
N GLU A 2 -9.85 -5.13 -2.70
CA GLU A 2 -9.46 -4.36 -3.88
C GLU A 2 -7.96 -4.03 -3.90
N CYS A 3 -7.35 -3.83 -2.74
CA CYS A 3 -5.95 -3.42 -2.64
C CYS A 3 -5.04 -4.59 -3.04
N VAL A 4 -5.33 -5.80 -2.57
CA VAL A 4 -4.66 -7.04 -2.96
C VAL A 4 -4.93 -7.39 -4.43
N SER A 5 -6.16 -7.19 -4.91
CA SER A 5 -6.58 -7.51 -6.28
C SER A 5 -5.91 -6.60 -7.32
N LYS A 6 -5.62 -5.35 -6.95
CA LYS A 6 -4.83 -4.39 -7.72
C LYS A 6 -3.32 -4.69 -7.67
N GLY A 7 -2.89 -5.61 -6.79
CA GLY A 7 -1.49 -6.07 -6.66
C GLY A 7 -0.67 -5.33 -5.61
N PHE A 8 -1.25 -4.32 -4.93
CA PHE A 8 -0.60 -3.57 -3.85
C PHE A 8 -0.60 -4.38 -2.54
N GLY A 9 0.14 -3.88 -1.54
CA GLY A 9 0.32 -4.55 -0.25
C GLY A 9 -0.67 -4.06 0.82
N CYS A 10 -0.83 -4.89 1.86
CA CYS A 10 -1.63 -4.61 3.06
C CYS A 10 -0.75 -4.79 4.29
N LEU A 11 0.26 -3.91 4.41
CA LEU A 11 1.15 -3.81 5.56
C LEU A 11 0.39 -3.38 6.83
N PRO A 12 0.99 -3.57 8.02
CA PRO A 12 0.51 -2.99 9.26
C PRO A 12 0.78 -1.48 9.31
N GLN A 13 0.22 -0.80 10.31
CA GLN A 13 0.43 0.64 10.55
C GLN A 13 1.89 0.98 10.83
N SER A 14 2.69 0.02 11.35
CA SER A 14 4.11 0.18 11.63
C SER A 14 4.99 0.14 10.37
N ASP A 15 4.43 -0.23 9.20
CA ASP A 15 5.16 -0.36 7.93
C ASP A 15 4.51 0.43 6.79
N CYS A 16 3.34 1.06 7.02
CA CYS A 16 2.57 1.80 6.04
C CYS A 16 2.32 3.23 6.54
N PRO A 17 3.29 4.16 6.37
CA PRO A 17 3.14 5.57 6.75
C PRO A 17 2.26 6.34 5.75
N GLN A 18 1.97 7.60 6.09
CA GLN A 18 1.26 8.56 5.23
C GLN A 18 2.04 8.90 3.95
N GLU A 19 3.34 8.57 3.89
CA GLU A 19 4.19 8.78 2.72
C GLU A 19 3.97 7.72 1.63
N ALA A 20 3.57 6.50 2.01
CA ALA A 20 3.50 5.34 1.13
C ALA A 20 2.07 4.89 0.81
N ARG A 21 1.06 5.47 1.48
CA ARG A 21 -0.35 5.13 1.27
C ARG A 21 -0.87 5.62 -0.08
N LEU A 22 -1.97 5.02 -0.55
CA LEU A 22 -2.65 5.35 -1.80
C LEU A 22 -3.87 6.26 -1.53
N SER A 23 -4.53 6.69 -2.61
CA SER A 23 -5.73 7.52 -2.59
C SER A 23 -6.97 6.77 -2.06
N TYR A 24 -6.87 5.46 -1.81
CA TYR A 24 -7.93 4.59 -1.31
C TYR A 24 -7.39 3.59 -0.27
N GLY A 25 -8.29 2.79 0.31
CA GLY A 25 -8.00 1.86 1.40
C GLY A 25 -8.80 0.57 1.28
N GLY A 26 -8.42 -0.29 0.32
CA GLY A 26 -9.07 -1.58 0.09
C GLY A 26 -8.71 -2.64 1.14
N CYS A 27 -7.61 -2.46 1.89
CA CYS A 27 -7.18 -3.36 2.96
C CYS A 27 -8.11 -3.30 4.19
N SER A 28 -7.77 -4.09 5.21
CA SER A 28 -8.52 -4.22 6.46
C SER A 28 -8.10 -3.16 7.49
N THR A 29 -7.04 -2.39 7.23
CA THR A 29 -6.65 -1.22 8.01
C THR A 29 -5.96 -0.15 7.15
N VAL A 30 -4.92 -0.50 6.38
CA VAL A 30 -4.15 0.45 5.54
C VAL A 30 -3.61 -0.22 4.27
N CYS A 31 -3.57 0.53 3.17
CA CYS A 31 -3.23 0.10 1.81
C CYS A 31 -2.05 0.94 1.29
N CYS A 32 -0.89 0.28 1.11
CA CYS A 32 0.37 0.90 0.69
C CYS A 32 0.89 0.28 -0.61
N ASP A 33 1.47 1.13 -1.46
CA ASP A 33 2.19 0.76 -2.67
C ASP A 33 3.68 0.58 -2.36
N LEU A 34 4.26 -0.47 -2.95
CA LEU A 34 5.58 -1.01 -2.68
C LEU A 34 6.44 -1.10 -3.97
N SER A 35 6.01 -0.44 -5.06
CA SER A 35 6.61 -0.46 -6.39
C SER A 35 8.07 0.01 -6.46
N LYS A 36 8.58 0.75 -5.45
CA LYS A 36 10.00 1.11 -5.33
C LYS A 36 10.92 -0.11 -5.17
N LEU A 37 10.35 -1.23 -4.70
CA LEU A 37 11.03 -2.49 -4.41
C LEU A 37 10.46 -3.58 -5.33
N THR A 38 9.21 -4.02 -5.07
CA THR A 38 8.49 -5.03 -5.82
C THR A 38 7.76 -4.36 -7.01
N GLY A 39 8.55 -3.87 -7.97
CA GLY A 39 8.08 -3.27 -9.20
C GLY A 39 9.21 -3.15 -10.21
N ASN A 1 -9.70 -7.83 -1.56
CA ASN A 1 -8.95 -6.63 -1.21
C ASN A 1 -8.37 -5.98 -2.49
N GLU A 2 -8.73 -4.72 -2.77
CA GLU A 2 -8.25 -4.00 -3.93
C GLU A 2 -6.73 -3.86 -3.94
N CYS A 3 -6.14 -3.46 -2.81
CA CYS A 3 -4.71 -3.23 -2.64
C CYS A 3 -3.89 -4.48 -3.03
N VAL A 4 -4.28 -5.66 -2.50
CA VAL A 4 -3.63 -6.94 -2.76
C VAL A 4 -3.87 -7.41 -4.21
N SER A 5 -5.08 -7.23 -4.74
CA SER A 5 -5.49 -7.65 -6.09
C SER A 5 -4.76 -6.86 -7.19
N LYS A 6 -4.45 -5.58 -6.94
CA LYS A 6 -3.60 -4.73 -7.79
C LYS A 6 -2.12 -5.16 -7.74
N GLY A 7 -1.73 -6.03 -6.79
CA GLY A 7 -0.38 -6.55 -6.63
C GLY A 7 0.49 -5.79 -5.61
N PHE A 8 -0.06 -4.75 -4.96
CA PHE A 8 0.62 -3.98 -3.92
C PHE A 8 0.60 -4.71 -2.56
N GLY A 9 1.35 -4.17 -1.60
CA GLY A 9 1.51 -4.70 -0.26
C GLY A 9 0.46 -4.15 0.72
N CYS A 10 0.52 -4.66 1.95
CA CYS A 10 -0.36 -4.27 3.04
C CYS A 10 0.49 -4.23 4.33
N LEU A 11 1.57 -3.44 4.29
CA LEU A 11 2.55 -3.30 5.37
C LEU A 11 1.88 -2.84 6.68
N PRO A 12 2.52 -3.09 7.84
CA PRO A 12 2.06 -2.59 9.12
C PRO A 12 2.20 -1.06 9.18
N GLN A 13 1.57 -0.44 10.19
CA GLN A 13 1.56 1.02 10.37
C GLN A 13 2.98 1.59 10.58
N SER A 14 3.94 0.75 11.03
CA SER A 14 5.35 1.09 11.25
C SER A 14 6.23 0.98 9.99
N ASP A 15 5.74 0.37 8.90
CA ASP A 15 6.42 0.26 7.60
C ASP A 15 5.68 0.99 6.46
N CYS A 16 4.48 1.53 6.75
CA CYS A 16 3.65 2.25 5.79
C CYS A 16 3.51 3.72 6.26
N PRO A 17 4.51 4.57 5.98
CA PRO A 17 4.46 6.00 6.30
C PRO A 17 3.50 6.75 5.38
N GLN A 18 3.24 8.03 5.72
CA GLN A 18 2.39 8.96 4.99
C GLN A 18 2.86 9.17 3.54
N GLU A 19 4.16 9.03 3.28
CA GLU A 19 4.77 9.17 1.96
C GLU A 19 4.46 7.98 1.04
N ALA A 20 4.49 6.76 1.60
CA ALA A 20 4.36 5.51 0.84
C ALA A 20 2.90 5.14 0.50
N ARG A 21 1.90 5.88 1.01
CA ARG A 21 0.48 5.63 0.76
C ARG A 21 0.16 5.77 -0.74
N LEU A 22 -0.70 4.87 -1.23
CA LEU A 22 -1.20 4.93 -2.60
C LEU A 22 -2.27 6.03 -2.74
N SER A 23 -2.70 6.26 -3.99
CA SER A 23 -3.81 7.17 -4.32
C SER A 23 -5.18 6.66 -3.82
N TYR A 24 -5.23 5.39 -3.39
CA TYR A 24 -6.41 4.69 -2.89
C TYR A 24 -6.04 3.78 -1.71
N GLY A 25 -7.07 3.33 -0.97
CA GLY A 25 -6.96 2.58 0.28
C GLY A 25 -7.73 1.27 0.18
N GLY A 26 -7.07 0.22 -0.34
CA GLY A 26 -7.68 -1.09 -0.62
C GLY A 26 -7.47 -2.15 0.46
N CYS A 27 -6.80 -1.82 1.57
CA CYS A 27 -6.71 -2.66 2.78
C CYS A 27 -7.73 -2.22 3.83
N SER A 28 -7.82 -2.98 4.92
CA SER A 28 -8.75 -2.76 6.03
C SER A 28 -8.18 -1.81 7.09
N THR A 29 -6.91 -1.41 6.94
CA THR A 29 -6.21 -0.46 7.78
C THR A 29 -5.37 0.51 6.92
N VAL A 30 -4.39 0.00 6.16
CA VAL A 30 -3.41 0.80 5.44
C VAL A 30 -2.93 0.08 4.17
N CYS A 31 -2.85 0.81 3.05
CA CYS A 31 -2.41 0.37 1.75
C CYS A 31 -1.19 1.19 1.31
N CYS A 32 -0.04 0.52 1.17
CA CYS A 32 1.21 1.07 0.67
C CYS A 32 1.73 0.21 -0.48
N ASP A 33 2.39 0.85 -1.45
CA ASP A 33 2.94 0.17 -2.63
C ASP A 33 4.26 -0.55 -2.30
N LEU A 34 4.68 -1.44 -3.20
CA LEU A 34 5.93 -2.21 -3.13
C LEU A 34 6.83 -1.93 -4.34
N SER A 35 6.46 -0.98 -5.21
CA SER A 35 7.19 -0.66 -6.44
C SER A 35 8.54 0.05 -6.18
N LYS A 36 8.82 0.49 -4.93
CA LYS A 36 10.15 0.97 -4.55
C LYS A 36 11.20 -0.15 -4.52
N LEU A 37 10.77 -1.40 -4.26
CA LEU A 37 11.65 -2.58 -4.26
C LEU A 37 12.21 -2.84 -5.65
N THR A 38 11.35 -2.79 -6.67
CA THR A 38 11.70 -2.90 -8.09
C THR A 38 12.31 -1.61 -8.66
N GLY A 39 12.20 -0.48 -7.93
CA GLY A 39 12.81 0.81 -8.28
C GLY A 39 11.88 1.69 -9.12
N ASN A 1 -9.32 -9.26 0.36
CA ASN A 1 -8.44 -8.09 0.40
C ASN A 1 -8.56 -7.26 -0.87
N GLU A 2 -9.22 -6.09 -0.75
CA GLU A 2 -9.53 -5.21 -1.87
C GLU A 2 -8.29 -4.46 -2.38
N CYS A 3 -7.46 -3.90 -1.49
CA CYS A 3 -6.26 -3.14 -1.86
C CYS A 3 -5.13 -4.04 -2.39
N VAL A 4 -5.11 -5.33 -1.99
CA VAL A 4 -4.18 -6.33 -2.51
C VAL A 4 -4.57 -6.68 -3.95
N SER A 5 -5.87 -6.73 -4.26
CA SER A 5 -6.40 -7.01 -5.60
C SER A 5 -6.13 -5.86 -6.60
N LYS A 6 -5.73 -4.67 -6.13
CA LYS A 6 -5.23 -3.57 -6.96
C LYS A 6 -3.85 -3.89 -7.58
N GLY A 7 -3.20 -4.98 -7.13
CA GLY A 7 -1.92 -5.47 -7.63
C GLY A 7 -0.72 -5.09 -6.76
N PHE A 8 -0.94 -4.31 -5.69
CA PHE A 8 0.08 -3.94 -4.72
C PHE A 8 0.14 -4.98 -3.60
N GLY A 9 -0.54 -4.68 -2.49
CA GLY A 9 -0.49 -5.42 -1.25
C GLY A 9 -1.16 -4.65 -0.12
N CYS A 10 -0.73 -4.95 1.11
CA CYS A 10 -1.18 -4.29 2.33
C CYS A 10 -0.05 -4.30 3.36
N LEU A 11 0.05 -3.23 4.18
CA LEU A 11 1.08 -3.03 5.20
C LEU A 11 0.42 -2.79 6.57
N PRO A 12 1.18 -2.98 7.68
CA PRO A 12 0.69 -2.81 9.04
C PRO A 12 0.61 -1.32 9.45
N GLN A 13 0.00 -1.10 10.63
CA GLN A 13 -0.26 0.18 11.28
C GLN A 13 1.00 0.92 11.76
N SER A 14 2.20 0.33 11.59
CA SER A 14 3.48 0.86 12.04
C SER A 14 4.56 0.85 10.94
N ASP A 15 4.19 0.49 9.70
CA ASP A 15 5.09 0.48 8.54
C ASP A 15 4.46 1.08 7.27
N CYS A 16 3.28 1.71 7.39
CA CYS A 16 2.60 2.41 6.31
C CYS A 16 2.52 3.92 6.67
N PRO A 17 3.60 4.69 6.45
CA PRO A 17 3.61 6.13 6.66
C PRO A 17 2.81 6.85 5.58
N GLN A 18 2.41 8.10 5.85
CA GLN A 18 1.57 8.93 4.98
C GLN A 18 2.18 9.16 3.58
N GLU A 19 3.52 9.14 3.48
CA GLU A 19 4.26 9.26 2.23
C GLU A 19 4.02 8.06 1.31
N ALA A 20 4.07 6.83 1.86
CA ALA A 20 3.94 5.58 1.12
C ALA A 20 2.48 5.17 0.82
N ARG A 21 1.48 5.87 1.37
CA ARG A 21 0.06 5.58 1.12
C ARG A 21 -0.26 5.80 -0.36
N LEU A 22 -1.13 4.94 -0.91
CA LEU A 22 -1.65 5.09 -2.27
C LEU A 22 -2.68 6.21 -2.33
N SER A 23 -3.08 6.58 -3.55
CA SER A 23 -4.12 7.57 -3.83
C SER A 23 -5.52 7.08 -3.39
N TYR A 24 -5.63 5.80 -3.05
CA TYR A 24 -6.85 5.09 -2.67
C TYR A 24 -6.54 4.04 -1.59
N GLY A 25 -7.60 3.53 -0.96
CA GLY A 25 -7.55 2.54 0.11
C GLY A 25 -8.25 1.24 -0.28
N GLY A 26 -8.43 0.36 0.72
CA GLY A 26 -9.13 -0.91 0.59
C GLY A 26 -8.70 -1.95 1.62
N CYS A 27 -7.65 -1.67 2.42
CA CYS A 27 -7.13 -2.54 3.47
C CYS A 27 -8.04 -2.60 4.71
N SER A 28 -7.59 -3.38 5.71
CA SER A 28 -8.23 -3.54 7.01
C SER A 28 -8.20 -2.22 7.80
N THR A 29 -7.18 -1.38 7.59
CA THR A 29 -7.12 -0.01 8.10
C THR A 29 -6.22 0.91 7.27
N VAL A 30 -5.06 0.41 6.78
CA VAL A 30 -4.06 1.22 6.05
C VAL A 30 -3.47 0.43 4.88
N CYS A 31 -3.27 1.10 3.73
CA CYS A 31 -2.71 0.53 2.51
C CYS A 31 -1.57 1.40 1.98
N CYS A 32 -0.45 0.75 1.67
CA CYS A 32 0.75 1.33 1.09
C CYS A 32 1.24 0.46 -0.09
N ASP A 33 1.84 1.11 -1.10
CA ASP A 33 2.28 0.47 -2.33
C ASP A 33 3.49 -0.45 -2.08
N LEU A 34 3.60 -1.53 -2.87
CA LEU A 34 4.77 -2.43 -2.87
C LEU A 34 5.69 -2.17 -4.07
N SER A 35 5.29 -1.31 -5.01
CA SER A 35 6.05 -0.99 -6.22
C SER A 35 7.38 -0.31 -5.89
N LYS A 36 7.45 0.45 -4.78
CA LYS A 36 8.66 1.09 -4.27
C LYS A 36 9.75 0.08 -3.87
N LEU A 37 9.35 -1.12 -3.39
CA LEU A 37 10.27 -2.17 -2.98
C LEU A 37 10.97 -2.80 -4.18
N THR A 38 10.20 -3.09 -5.26
CA THR A 38 10.70 -3.67 -6.50
C THR A 38 11.41 -2.65 -7.40
N GLY A 39 11.17 -1.34 -7.21
CA GLY A 39 11.84 -0.22 -7.86
C GLY A 39 11.74 -0.26 -9.39
N ASN A 1 -8.06 -7.16 -3.79
CA ASN A 1 -7.28 -5.98 -3.37
C ASN A 1 -6.86 -5.17 -4.60
N GLU A 2 -7.38 -3.95 -4.71
CA GLU A 2 -7.09 -3.04 -5.83
C GLU A 2 -5.61 -2.62 -5.90
N CYS A 3 -4.92 -2.63 -4.75
CA CYS A 3 -3.48 -2.43 -4.65
C CYS A 3 -2.77 -3.52 -5.46
N VAL A 4 -2.95 -4.79 -5.07
CA VAL A 4 -2.33 -5.97 -5.67
C VAL A 4 -2.80 -6.20 -7.12
N SER A 5 -4.01 -5.74 -7.47
CA SER A 5 -4.54 -5.78 -8.83
C SER A 5 -3.67 -4.99 -9.82
N LYS A 6 -3.22 -3.78 -9.43
CA LYS A 6 -2.23 -2.99 -10.16
C LYS A 6 -0.77 -3.34 -9.79
N GLY A 7 -0.55 -4.22 -8.81
CA GLY A 7 0.76 -4.76 -8.43
C GLY A 7 1.37 -4.12 -7.18
N PHE A 8 0.77 -3.04 -6.63
CA PHE A 8 1.15 -2.40 -5.37
C PHE A 8 0.88 -3.32 -4.16
N GLY A 9 1.36 -2.90 -2.98
CA GLY A 9 1.10 -3.56 -1.70
C GLY A 9 0.43 -2.64 -0.68
N CYS A 10 0.42 -3.09 0.58
CA CYS A 10 -0.11 -2.40 1.75
C CYS A 10 0.86 -2.63 2.91
N LEU A 11 1.92 -1.81 2.97
CA LEU A 11 2.93 -1.83 4.04
C LEU A 11 2.31 -1.39 5.36
N PRO A 12 2.93 -1.71 6.52
CA PRO A 12 2.43 -1.29 7.81
C PRO A 12 2.59 0.23 8.01
N GLN A 13 1.86 0.75 8.98
CA GLN A 13 1.83 2.17 9.36
C GLN A 13 3.13 2.64 10.03
N SER A 14 4.16 1.78 10.13
CA SER A 14 5.48 2.04 10.67
C SER A 14 6.59 1.98 9.59
N ASP A 15 6.25 1.69 8.32
CA ASP A 15 7.21 1.47 7.23
C ASP A 15 6.84 2.16 5.91
N CYS A 16 5.71 2.88 5.84
CA CYS A 16 5.24 3.58 4.63
C CYS A 16 5.35 5.10 4.81
N PRO A 17 6.26 5.80 4.10
CA PRO A 17 6.40 7.25 4.19
C PRO A 17 5.20 7.97 3.56
N GLN A 18 4.98 9.22 3.96
CA GLN A 18 3.79 10.01 3.61
C GLN A 18 3.63 10.25 2.10
N GLU A 19 4.73 10.19 1.34
CA GLU A 19 4.76 10.41 -0.11
C GLU A 19 4.40 9.15 -0.90
N ALA A 20 4.70 7.95 -0.36
CA ALA A 20 4.38 6.66 -0.97
C ALA A 20 2.94 6.20 -0.70
N ARG A 21 2.23 6.85 0.23
CA ARG A 21 0.81 6.64 0.52
C ARG A 21 -0.02 7.19 -0.64
N LEU A 22 -0.62 6.31 -1.45
CA LEU A 22 -1.43 6.66 -2.59
C LEU A 22 -2.87 7.03 -2.16
N SER A 23 -3.56 7.77 -3.03
CA SER A 23 -4.90 8.29 -2.79
C SER A 23 -6.02 7.22 -2.96
N TYR A 24 -5.63 5.98 -3.26
CA TYR A 24 -6.52 4.87 -3.59
C TYR A 24 -5.94 3.52 -3.14
N GLY A 25 -6.76 2.47 -3.20
CA GLY A 25 -6.38 1.11 -2.86
C GLY A 25 -7.56 0.24 -2.44
N GLY A 26 -7.29 -1.06 -2.27
CA GLY A 26 -8.26 -2.06 -1.82
C GLY A 26 -8.18 -2.34 -0.31
N CYS A 27 -7.08 -1.95 0.35
CA CYS A 27 -6.97 -1.93 1.81
C CYS A 27 -7.80 -0.78 2.40
N SER A 28 -7.86 -0.72 3.73
CA SER A 28 -8.74 0.17 4.49
C SER A 28 -7.95 1.01 5.52
N THR A 29 -6.61 0.95 5.47
CA THR A 29 -5.70 1.73 6.31
C THR A 29 -4.72 2.49 5.42
N VAL A 30 -3.87 1.76 4.69
CA VAL A 30 -2.84 2.28 3.78
C VAL A 30 -2.64 1.32 2.59
N CYS A 31 -2.13 1.87 1.49
CA CYS A 31 -1.81 1.18 0.23
C CYS A 31 -0.51 1.80 -0.30
N CYS A 32 0.62 1.30 0.22
CA CYS A 32 1.93 1.87 -0.06
C CYS A 32 2.40 1.53 -1.49
N ASP A 33 3.25 2.40 -2.06
CA ASP A 33 3.85 2.23 -3.37
C ASP A 33 5.30 1.76 -3.23
N LEU A 34 5.47 0.47 -3.51
CA LEU A 34 6.72 -0.26 -3.68
C LEU A 34 6.89 -0.78 -5.12
N SER A 35 5.95 -0.46 -6.02
CA SER A 35 6.11 -0.60 -7.47
C SER A 35 7.24 0.31 -7.99
N LYS A 36 7.55 1.40 -7.27
CA LYS A 36 8.69 2.26 -7.52
C LYS A 36 10.04 1.61 -7.15
N LEU A 37 10.04 0.58 -6.29
CA LEU A 37 11.24 -0.11 -5.82
C LEU A 37 11.60 -1.31 -6.69
N THR A 38 10.60 -2.10 -7.13
CA THR A 38 10.80 -3.36 -7.86
C THR A 38 9.75 -3.61 -8.96
N GLY A 39 8.56 -2.99 -8.86
CA GLY A 39 7.45 -3.18 -9.79
C GLY A 39 6.48 -4.27 -9.34
N ASN A 1 -9.89 -8.12 -2.32
CA ASN A 1 -8.73 -7.28 -2.01
C ASN A 1 -8.41 -6.35 -3.17
N GLU A 2 -8.70 -5.06 -3.00
CA GLU A 2 -8.49 -4.03 -4.02
C GLU A 2 -6.99 -3.83 -4.31
N CYS A 3 -6.18 -3.58 -3.26
CA CYS A 3 -4.77 -3.29 -3.41
C CYS A 3 -3.99 -4.47 -3.99
N VAL A 4 -4.33 -5.70 -3.61
CA VAL A 4 -3.68 -6.91 -4.11
C VAL A 4 -3.99 -7.11 -5.60
N SER A 5 -5.23 -6.84 -6.03
CA SER A 5 -5.65 -6.87 -7.44
C SER A 5 -4.89 -5.82 -8.27
N LYS A 6 -4.60 -4.65 -7.68
CA LYS A 6 -3.83 -3.57 -8.28
C LYS A 6 -2.30 -3.78 -8.21
N GLY A 7 -1.82 -4.85 -7.55
CA GLY A 7 -0.39 -5.18 -7.42
C GLY A 7 0.32 -4.47 -6.26
N PHE A 8 -0.38 -3.57 -5.54
CA PHE A 8 0.07 -2.96 -4.29
C PHE A 8 -0.04 -3.92 -3.11
N GLY A 9 0.45 -3.49 -1.95
CA GLY A 9 0.53 -4.30 -0.73
C GLY A 9 -0.18 -3.71 0.47
N CYS A 10 -0.24 -4.51 1.54
CA CYS A 10 -0.93 -4.22 2.80
C CYS A 10 0.07 -4.38 3.96
N LEU A 11 1.01 -3.44 4.07
CA LEU A 11 1.97 -3.34 5.18
C LEU A 11 1.28 -2.97 6.50
N PRO A 12 1.95 -3.19 7.65
CA PRO A 12 1.50 -2.70 8.95
C PRO A 12 1.66 -1.18 9.04
N GLN A 13 1.10 -0.57 10.09
CA GLN A 13 1.20 0.87 10.33
C GLN A 13 2.66 1.34 10.57
N SER A 14 3.56 0.42 10.96
CA SER A 14 4.99 0.65 11.09
C SER A 14 5.62 0.93 9.72
N ASP A 15 5.43 0.03 8.74
CA ASP A 15 6.07 0.11 7.43
C ASP A 15 5.31 0.96 6.41
N CYS A 16 4.09 1.42 6.72
CA CYS A 16 3.22 2.18 5.83
C CYS A 16 3.00 3.60 6.38
N PRO A 17 3.96 4.53 6.17
CA PRO A 17 3.85 5.91 6.63
C PRO A 17 2.88 6.74 5.77
N GLN A 18 2.64 7.98 6.23
CA GLN A 18 1.84 9.00 5.55
C GLN A 18 2.48 9.51 4.23
N GLU A 19 3.73 9.11 3.95
CA GLU A 19 4.46 9.45 2.73
C GLU A 19 4.28 8.40 1.62
N ALA A 20 4.04 7.13 2.01
CA ALA A 20 3.90 6.01 1.09
C ALA A 20 2.44 5.58 0.85
N ARG A 21 1.48 6.09 1.63
CA ARG A 21 0.06 5.79 1.52
C ARG A 21 -0.48 6.17 0.14
N LEU A 22 -1.34 5.32 -0.44
CA LEU A 22 -2.05 5.61 -1.67
C LEU A 22 -3.33 6.40 -1.37
N SER A 23 -3.91 6.99 -2.43
CA SER A 23 -5.15 7.76 -2.36
C SER A 23 -6.39 6.86 -2.23
N TYR A 24 -6.22 5.55 -2.36
CA TYR A 24 -7.23 4.51 -2.33
C TYR A 24 -6.70 3.26 -1.59
N GLY A 25 -7.59 2.28 -1.38
CA GLY A 25 -7.19 0.94 -0.97
C GLY A 25 -8.35 0.09 -0.47
N GLY A 26 -8.05 -1.20 -0.27
CA GLY A 26 -8.98 -2.22 0.18
C GLY A 26 -8.35 -3.22 1.15
N CYS A 27 -7.25 -2.85 1.82
CA CYS A 27 -6.65 -3.59 2.92
C CYS A 27 -7.55 -3.52 4.17
N SER A 28 -7.13 -4.17 5.26
CA SER A 28 -7.91 -4.23 6.50
C SER A 28 -7.67 -3.00 7.38
N THR A 29 -6.54 -2.31 7.18
CA THR A 29 -6.12 -1.15 7.96
C THR A 29 -5.58 -0.04 7.06
N VAL A 30 -4.51 -0.32 6.30
CA VAL A 30 -3.75 0.65 5.50
C VAL A 30 -3.19 -0.02 4.24
N CYS A 31 -2.96 0.78 3.19
CA CYS A 31 -2.39 0.34 1.91
C CYS A 31 -1.29 1.31 1.47
N CYS A 32 -0.15 0.74 1.08
CA CYS A 32 1.01 1.46 0.58
C CYS A 32 1.51 0.82 -0.72
N ASP A 33 1.99 1.69 -1.64
CA ASP A 33 2.66 1.29 -2.86
C ASP A 33 4.08 0.80 -2.53
N LEU A 34 4.24 -0.52 -2.56
CA LEU A 34 5.52 -1.23 -2.48
C LEU A 34 5.88 -1.95 -3.78
N SER A 35 5.01 -1.85 -4.80
CA SER A 35 5.13 -2.49 -6.11
C SER A 35 6.39 -2.05 -6.88
N LYS A 36 6.95 -0.88 -6.58
CA LYS A 36 8.20 -0.38 -7.17
C LYS A 36 9.38 -1.29 -6.84
N LEU A 37 9.52 -1.66 -5.56
CA LEU A 37 10.54 -2.57 -5.06
C LEU A 37 10.17 -4.02 -5.36
N THR A 38 8.97 -4.45 -4.92
CA THR A 38 8.38 -5.78 -5.03
C THR A 38 9.37 -6.94 -4.77
N GLY A 39 10.19 -6.79 -3.72
CA GLY A 39 11.26 -7.72 -3.35
C GLY A 39 10.85 -8.69 -2.25
N ASN A 1 -10.48 -7.07 -1.80
CA ASN A 1 -9.48 -6.02 -1.54
C ASN A 1 -9.03 -5.39 -2.85
N GLU A 2 -9.32 -4.10 -3.03
CA GLU A 2 -9.01 -3.35 -4.26
C GLU A 2 -7.50 -3.18 -4.46
N CYS A 3 -6.74 -2.99 -3.37
CA CYS A 3 -5.28 -2.91 -3.39
C CYS A 3 -4.63 -4.22 -3.84
N VAL A 4 -5.19 -5.38 -3.46
CA VAL A 4 -4.69 -6.71 -3.84
C VAL A 4 -4.99 -6.99 -5.32
N SER A 5 -6.17 -6.58 -5.82
CA SER A 5 -6.57 -6.70 -7.21
C SER A 5 -5.65 -5.88 -8.14
N LYS A 6 -5.19 -4.71 -7.67
CA LYS A 6 -4.23 -3.84 -8.36
C LYS A 6 -2.77 -4.29 -8.15
N GLY A 7 -2.51 -5.32 -7.34
CA GLY A 7 -1.20 -5.92 -7.13
C GLY A 7 -0.29 -5.17 -6.15
N PHE A 8 -0.76 -4.08 -5.53
CA PHE A 8 -0.02 -3.29 -4.55
C PHE A 8 0.13 -4.04 -3.21
N GLY A 9 0.90 -3.43 -2.29
CA GLY A 9 1.14 -3.93 -0.94
C GLY A 9 0.02 -3.54 0.04
N CYS A 10 0.19 -3.91 1.31
CA CYS A 10 -0.75 -3.66 2.39
C CYS A 10 -0.01 -3.61 3.74
N LEU A 11 0.97 -2.69 3.87
CA LEU A 11 1.71 -2.49 5.12
C LEU A 11 0.82 -1.86 6.21
N PRO A 12 1.13 -2.12 7.50
CA PRO A 12 0.44 -1.53 8.65
C PRO A 12 0.77 -0.04 8.80
N GLN A 13 0.07 0.63 9.73
CA GLN A 13 0.22 2.07 10.01
C GLN A 13 1.62 2.49 10.50
N SER A 14 2.47 1.54 10.91
CA SER A 14 3.86 1.76 11.34
C SER A 14 4.89 1.56 10.22
N ASP A 15 4.48 1.03 9.06
CA ASP A 15 5.31 0.85 7.86
C ASP A 15 4.73 1.59 6.64
N CYS A 16 3.58 2.25 6.79
CA CYS A 16 2.86 2.93 5.72
C CYS A 16 2.69 4.42 6.09
N PRO A 17 3.69 5.27 5.77
CA PRO A 17 3.64 6.72 6.01
C PRO A 17 2.74 7.45 5.01
N GLN A 18 2.57 8.76 5.22
CA GLN A 18 1.87 9.69 4.34
C GLN A 18 2.55 9.85 2.97
N GLU A 19 3.80 9.39 2.80
CA GLU A 19 4.54 9.45 1.55
C GLU A 19 4.23 8.25 0.64
N ALA A 20 4.09 7.04 1.21
CA ALA A 20 3.94 5.80 0.46
C ALA A 20 2.48 5.35 0.27
N ARG A 21 1.52 5.98 0.96
CA ARG A 21 0.09 5.66 0.83
C ARG A 21 -0.42 5.92 -0.58
N LEU A 22 -1.42 5.16 -1.03
CA LEU A 22 -2.06 5.36 -2.31
C LEU A 22 -3.19 6.39 -2.19
N SER A 23 -3.75 6.79 -3.35
CA SER A 23 -4.87 7.72 -3.47
C SER A 23 -6.19 7.14 -2.93
N TYR A 24 -6.19 5.86 -2.51
CA TYR A 24 -7.34 5.10 -2.06
C TYR A 24 -6.93 4.05 -1.01
N GLY A 25 -7.91 3.56 -0.27
CA GLY A 25 -7.73 2.59 0.82
C GLY A 25 -8.36 1.26 0.47
N GLY A 26 -7.69 0.49 -0.41
CA GLY A 26 -8.13 -0.81 -0.88
C GLY A 26 -7.80 -1.98 0.07
N CYS A 27 -7.32 -1.70 1.27
CA CYS A 27 -7.12 -2.64 2.38
C CYS A 27 -8.25 -2.47 3.43
N SER A 28 -8.11 -3.17 4.56
CA SER A 28 -9.09 -3.16 5.66
C SER A 28 -9.07 -1.85 6.44
N THR A 29 -7.93 -1.13 6.46
CA THR A 29 -7.84 0.22 7.02
C THR A 29 -6.68 1.05 6.44
N VAL A 30 -5.54 0.43 6.09
CA VAL A 30 -4.34 1.09 5.61
C VAL A 30 -3.71 0.31 4.46
N CYS A 31 -3.42 1.03 3.35
CA CYS A 31 -2.78 0.52 2.15
C CYS A 31 -1.64 1.44 1.69
N CYS A 32 -0.55 0.83 1.21
CA CYS A 32 0.60 1.48 0.60
C CYS A 32 1.03 0.75 -0.67
N ASP A 33 1.73 1.46 -1.56
CA ASP A 33 2.25 0.88 -2.82
C ASP A 33 3.55 0.10 -2.59
N LEU A 34 3.88 -0.78 -3.53
CA LEU A 34 5.14 -1.51 -3.62
C LEU A 34 5.87 -1.30 -4.96
N SER A 35 5.35 -0.41 -5.81
CA SER A 35 5.90 -0.09 -7.13
C SER A 35 7.34 0.44 -7.05
N LYS A 36 7.73 1.06 -5.93
CA LYS A 36 9.10 1.50 -5.67
C LYS A 36 10.05 0.33 -5.37
N LEU A 37 9.58 -0.72 -4.69
CA LEU A 37 10.38 -1.90 -4.35
C LEU A 37 10.68 -2.74 -5.61
N THR A 38 9.69 -2.93 -6.49
CA THR A 38 9.83 -3.60 -7.78
C THR A 38 10.53 -2.74 -8.84
N GLY A 39 10.76 -1.44 -8.56
CA GLY A 39 11.44 -0.49 -9.44
C GLY A 39 10.46 0.37 -10.21
N ASN A 1 -10.87 -4.79 -2.59
CA ASN A 1 -9.58 -4.14 -2.31
C ASN A 1 -8.89 -3.68 -3.60
N GLU A 2 -9.00 -2.38 -3.89
CA GLU A 2 -8.44 -1.76 -5.09
C GLU A 2 -6.90 -1.80 -5.08
N CYS A 3 -6.27 -1.41 -3.97
CA CYS A 3 -4.81 -1.33 -3.83
C CYS A 3 -4.15 -2.70 -4.02
N VAL A 4 -4.75 -3.76 -3.45
CA VAL A 4 -4.29 -5.15 -3.58
C VAL A 4 -4.51 -5.67 -5.01
N SER A 5 -5.64 -5.30 -5.65
CA SER A 5 -5.96 -5.68 -7.02
C SER A 5 -4.98 -5.07 -8.04
N LYS A 6 -4.50 -3.85 -7.79
CA LYS A 6 -3.41 -3.21 -8.55
C LYS A 6 -2.06 -3.91 -8.34
N GLY A 7 -1.91 -4.72 -7.28
CA GLY A 7 -0.73 -5.53 -6.98
C GLY A 7 0.12 -5.00 -5.82
N PHE A 8 -0.21 -3.82 -5.25
CA PHE A 8 0.51 -3.22 -4.14
C PHE A 8 0.35 -4.02 -2.83
N GLY A 9 1.16 -3.68 -1.83
CA GLY A 9 1.23 -4.33 -0.52
C GLY A 9 0.15 -3.86 0.44
N CYS A 10 0.37 -4.10 1.73
CA CYS A 10 -0.48 -3.65 2.82
C CYS A 10 0.35 -3.52 4.10
N LEU A 11 1.21 -2.50 4.13
CA LEU A 11 2.10 -2.17 5.26
C LEU A 11 1.27 -1.75 6.50
N PRO A 12 1.89 -1.76 7.70
CA PRO A 12 1.28 -1.21 8.91
C PRO A 12 1.30 0.32 8.87
N GLN A 13 0.41 0.94 9.64
CA GLN A 13 0.31 2.40 9.81
C GLN A 13 1.56 3.00 10.48
N SER A 14 2.36 2.18 11.17
CA SER A 14 3.59 2.56 11.87
C SER A 14 4.84 2.52 10.98
N ASP A 15 4.73 2.13 9.69
CA ASP A 15 5.87 2.06 8.77
C ASP A 15 5.62 2.78 7.44
N CYS A 16 4.39 2.73 6.91
CA CYS A 16 3.99 3.45 5.70
C CYS A 16 3.69 4.92 6.06
N PRO A 17 4.48 5.91 5.60
CA PRO A 17 4.24 7.32 5.87
C PRO A 17 3.10 7.88 5.00
N GLN A 18 2.65 9.09 5.35
CA GLN A 18 1.59 9.83 4.66
C GLN A 18 2.04 10.40 3.30
N GLU A 19 3.31 10.26 2.92
CA GLU A 19 3.83 10.59 1.60
C GLU A 19 3.81 9.38 0.65
N ALA A 20 4.04 8.16 1.17
CA ALA A 20 4.14 6.93 0.39
C ALA A 20 2.78 6.27 0.10
N ARG A 21 1.73 6.63 0.85
CA ARG A 21 0.38 6.13 0.61
C ARG A 21 -0.16 6.53 -0.76
N LEU A 22 -1.03 5.67 -1.30
CA LEU A 22 -1.71 5.86 -2.58
C LEU A 22 -3.11 6.45 -2.35
N SER A 23 -3.77 6.83 -3.45
CA SER A 23 -5.12 7.40 -3.45
C SER A 23 -6.23 6.38 -3.15
N TYR A 24 -5.89 5.08 -3.07
CA TYR A 24 -6.82 3.97 -2.97
C TYR A 24 -7.25 3.66 -1.53
N GLY A 25 -8.10 2.63 -1.37
CA GLY A 25 -8.66 2.16 -0.10
C GLY A 25 -8.66 0.63 0.02
N GLY A 26 -7.65 -0.04 -0.59
CA GLY A 26 -7.54 -1.50 -0.62
C GLY A 26 -7.08 -2.18 0.67
N CYS A 27 -6.87 -1.41 1.75
CA CYS A 27 -6.58 -1.91 3.09
C CYS A 27 -7.53 -1.29 4.11
N SER A 28 -7.48 -1.78 5.36
CA SER A 28 -8.35 -1.35 6.45
C SER A 28 -7.75 -0.21 7.27
N THR A 29 -6.45 0.07 7.09
CA THR A 29 -5.72 1.17 7.71
C THR A 29 -4.96 1.95 6.64
N VAL A 30 -3.96 1.31 6.00
CA VAL A 30 -3.07 1.94 5.01
C VAL A 30 -2.56 0.91 4.00
N CYS A 31 -2.12 1.41 2.84
CA CYS A 31 -1.44 0.69 1.77
C CYS A 31 -0.21 1.51 1.33
N CYS A 32 0.85 0.83 0.88
CA CYS A 32 2.09 1.45 0.42
C CYS A 32 2.54 0.87 -0.93
N ASP A 33 3.21 1.71 -1.73
CA ASP A 33 3.52 1.46 -3.13
C ASP A 33 4.86 0.72 -3.34
N LEU A 34 4.87 -0.59 -3.11
CA LEU A 34 6.04 -1.46 -3.30
C LEU A 34 6.44 -1.70 -4.76
N SER A 35 5.68 -1.17 -5.73
CA SER A 35 5.97 -1.23 -7.17
C SER A 35 7.25 -0.47 -7.55
N LYS A 36 7.75 0.42 -6.66
CA LYS A 36 9.03 1.11 -6.80
C LYS A 36 10.23 0.16 -6.79
N LEU A 37 10.09 -1.02 -6.18
CA LEU A 37 11.11 -2.07 -6.11
C LEU A 37 11.38 -2.75 -7.47
N THR A 38 10.46 -2.60 -8.44
CA THR A 38 10.58 -3.12 -9.81
C THR A 38 10.54 -1.99 -10.86
N GLY A 39 10.50 -0.72 -10.40
CA GLY A 39 10.49 0.48 -11.23
C GLY A 39 11.53 1.48 -10.74
#